data_2RSH
#
_entry.id   2RSH
#
loop_
_entity.id
_entity.type
_entity.pdbx_description
1 polymer 'Zinc finger protein ZFAT'
2 non-polymer 'ZINC ION'
#
_entity_poly.entity_id   1
_entity_poly.type   'polypeptide(L)'
_entity_poly.pdbx_seq_one_letter_code
;GSSGSSGEKFACDYCSFTCLSKGHLKVHIERVHKKIK
;
_entity_poly.pdbx_strand_id   A
#
loop_
_chem_comp.id
_chem_comp.type
_chem_comp.name
_chem_comp.formula
ZN non-polymer 'ZINC ION' 'Zn 2'
#
# COMPACT_ATOMS: atom_id res chain seq x y z
N GLY A 1 -1.36 -23.92 17.97
CA GLY A 1 -1.36 -22.58 18.51
C GLY A 1 -2.09 -21.58 17.63
N SER A 2 -1.56 -20.37 17.56
CA SER A 2 -2.18 -19.32 16.75
C SER A 2 -1.21 -18.81 15.70
N SER A 3 0.03 -18.56 16.11
CA SER A 3 1.06 -18.07 15.21
C SER A 3 1.13 -18.91 13.94
N GLY A 4 1.27 -18.24 12.80
CA GLY A 4 1.34 -18.95 11.54
C GLY A 4 1.63 -18.03 10.37
N SER A 5 0.60 -17.72 9.59
CA SER A 5 0.75 -16.84 8.44
C SER A 5 0.54 -15.38 8.83
N SER A 6 1.62 -14.60 8.80
CA SER A 6 1.56 -13.19 9.16
C SER A 6 1.42 -12.31 7.91
N GLY A 7 0.77 -11.17 8.06
CA GLY A 7 0.59 -10.27 6.94
C GLY A 7 -0.85 -9.81 6.79
N GLU A 8 -1.68 -10.66 6.19
CA GLU A 8 -3.09 -10.34 5.99
C GLU A 8 -3.27 -8.85 5.71
N LYS A 9 -2.38 -8.30 4.89
CA LYS A 9 -2.45 -6.89 4.53
C LYS A 9 -2.06 -6.66 3.08
N PHE A 10 -2.77 -5.76 2.40
CA PHE A 10 -2.50 -5.47 1.00
C PHE A 10 -1.42 -4.40 0.87
N ALA A 11 -0.73 -4.41 -0.26
CA ALA A 11 0.33 -3.44 -0.51
C ALA A 11 0.21 -2.84 -1.92
N CYS A 12 0.80 -1.66 -2.10
CA CYS A 12 0.76 -0.98 -3.39
C CYS A 12 1.25 -1.90 -4.51
N ASP A 13 0.59 -1.84 -5.66
CA ASP A 13 0.95 -2.66 -6.79
C ASP A 13 2.03 -1.97 -7.64
N TYR A 14 1.69 -0.82 -8.19
CA TYR A 14 2.62 -0.07 -9.02
C TYR A 14 4.05 -0.18 -8.49
N CYS A 15 4.19 -0.06 -7.17
CA CYS A 15 5.49 -0.15 -6.53
C CYS A 15 5.45 -1.12 -5.35
N SER A 16 6.63 -1.52 -4.88
CA SER A 16 6.73 -2.44 -3.76
C SER A 16 6.98 -1.70 -2.45
N PHE A 17 6.05 -0.81 -2.10
CA PHE A 17 6.16 -0.03 -0.88
C PHE A 17 5.22 -0.58 0.20
N THR A 18 5.74 -0.72 1.41
CA THR A 18 4.96 -1.23 2.52
C THR A 18 4.61 -0.12 3.51
N CYS A 19 3.36 -0.06 3.92
CA CYS A 19 2.90 0.95 4.86
C CYS A 19 2.51 0.32 6.19
N LEU A 20 2.12 1.16 7.15
CA LEU A 20 1.72 0.68 8.46
C LEU A 20 0.22 0.85 8.68
N SER A 21 -0.31 1.99 8.26
CA SER A 21 -1.74 2.27 8.40
C SER A 21 -2.45 2.12 7.06
N LYS A 22 -3.76 1.96 7.11
CA LYS A 22 -4.57 1.81 5.90
C LYS A 22 -4.58 3.10 5.09
N GLY A 23 -4.81 4.22 5.77
CA GLY A 23 -4.84 5.50 5.09
C GLY A 23 -3.57 5.78 4.32
N HIS A 24 -2.43 5.46 4.93
CA HIS A 24 -1.14 5.68 4.29
C HIS A 24 -1.13 5.12 2.87
N LEU A 25 -1.80 3.98 2.68
CA LEU A 25 -1.87 3.35 1.37
C LEU A 25 -2.61 4.23 0.37
N LYS A 26 -3.66 4.90 0.85
CA LYS A 26 -4.45 5.79 0.00
C LYS A 26 -3.67 7.04 -0.36
N VAL A 27 -3.30 7.81 0.67
CA VAL A 27 -2.54 9.04 0.46
C VAL A 27 -1.30 8.80 -0.38
N HIS A 28 -0.89 7.53 -0.47
CA HIS A 28 0.28 7.16 -1.25
C HIS A 28 0.04 7.39 -2.74
N ILE A 29 -0.81 6.55 -3.33
CA ILE A 29 -1.12 6.68 -4.75
C ILE A 29 -1.78 8.01 -5.05
N GLU A 30 -2.20 8.72 -4.01
CA GLU A 30 -2.84 10.02 -4.18
C GLU A 30 -1.90 11.00 -4.87
N ARG A 31 -0.69 11.12 -4.37
CA ARG A 31 0.30 12.03 -4.94
C ARG A 31 1.55 11.26 -5.38
N VAL A 32 2.11 10.50 -4.45
CA VAL A 32 3.32 9.72 -4.73
C VAL A 32 3.28 9.16 -6.15
N HIS A 33 2.08 8.80 -6.61
CA HIS A 33 1.91 8.25 -7.95
C HIS A 33 1.16 9.23 -8.85
N LYS A 34 -0.09 9.50 -8.51
CA LYS A 34 -0.92 10.41 -9.28
C LYS A 34 -0.76 10.16 -10.78
N LYS A 35 -0.57 8.90 -11.14
CA LYS A 35 -0.40 8.51 -12.54
C LYS A 35 -1.71 8.72 -13.32
N ILE A 36 -1.72 9.71 -14.19
CA ILE A 36 -2.89 10.00 -15.00
C ILE A 36 -2.79 9.36 -16.38
N LYS A 37 -3.76 8.51 -16.68
CA LYS A 37 -3.79 7.82 -17.98
C LYS A 37 -3.97 8.81 -19.12
ZN ZN B . 3.20 2.86 -4.83
N GLY A 1 -10.52 -18.39 18.72
CA GLY A 1 -10.38 -17.14 19.44
C GLY A 1 -11.02 -15.97 18.72
N SER A 2 -10.29 -14.86 18.64
CA SER A 2 -10.81 -13.67 17.97
C SER A 2 -10.10 -13.44 16.64
N SER A 3 -10.52 -12.42 15.91
CA SER A 3 -9.94 -12.09 14.62
C SER A 3 -10.44 -10.74 14.12
N GLY A 4 -9.53 -9.95 13.56
CA GLY A 4 -9.89 -8.65 13.03
C GLY A 4 -10.42 -8.71 11.62
N SER A 5 -9.67 -8.14 10.67
CA SER A 5 -10.07 -8.13 9.28
C SER A 5 -9.42 -9.29 8.52
N SER A 6 -9.41 -10.46 9.15
CA SER A 6 -8.82 -11.65 8.54
C SER A 6 -7.37 -11.39 8.12
N GLY A 7 -6.63 -10.71 8.99
CA GLY A 7 -5.24 -10.40 8.70
C GLY A 7 -5.00 -10.13 7.23
N GLU A 8 -5.91 -9.38 6.62
CA GLU A 8 -5.79 -9.04 5.20
C GLU A 8 -5.21 -7.64 5.02
N LYS A 9 -3.97 -7.58 4.56
CA LYS A 9 -3.30 -6.30 4.34
C LYS A 9 -3.27 -5.96 2.85
N PHE A 10 -2.96 -4.70 2.54
CA PHE A 10 -2.89 -4.24 1.17
C PHE A 10 -1.59 -3.49 0.90
N ALA A 11 -0.89 -3.88 -0.15
CA ALA A 11 0.38 -3.25 -0.51
C ALA A 11 0.32 -2.66 -1.92
N CYS A 12 1.10 -1.61 -2.15
CA CYS A 12 1.13 -0.95 -3.45
C CYS A 12 1.77 -1.86 -4.50
N ASP A 13 1.02 -2.13 -5.57
CA ASP A 13 1.52 -2.98 -6.65
C ASP A 13 2.49 -2.21 -7.54
N TYR A 14 2.09 -1.01 -7.96
CA TYR A 14 2.93 -0.19 -8.81
C TYR A 14 4.39 -0.26 -8.38
N CYS A 15 4.65 0.19 -7.15
CA CYS A 15 6.02 0.17 -6.62
C CYS A 15 6.09 -0.67 -5.35
N SER A 16 7.31 -0.86 -4.84
CA SER A 16 7.51 -1.65 -3.63
C SER A 16 7.46 -0.76 -2.40
N PHE A 17 6.32 -0.10 -2.20
CA PHE A 17 6.15 0.78 -1.05
C PHE A 17 5.27 0.11 0.02
N THR A 18 5.64 0.32 1.28
CA THR A 18 4.89 -0.25 2.39
C THR A 18 5.01 0.60 3.65
N CYS A 19 3.99 0.57 4.49
CA CYS A 19 3.99 1.35 5.72
C CYS A 19 3.34 0.56 6.85
N LEU A 20 3.40 1.12 8.07
CA LEU A 20 2.82 0.46 9.23
C LEU A 20 1.34 0.81 9.36
N SER A 21 0.83 1.62 8.43
CA SER A 21 -0.56 2.03 8.44
C SER A 21 -1.29 1.51 7.20
N LYS A 22 -2.61 1.40 7.31
CA LYS A 22 -3.42 0.91 6.21
C LYS A 22 -3.76 2.05 5.24
N GLY A 23 -4.25 3.15 5.79
CA GLY A 23 -4.60 4.29 4.97
C GLY A 23 -3.45 4.76 4.11
N HIS A 24 -2.25 4.30 4.43
CA HIS A 24 -1.05 4.69 3.69
C HIS A 24 -1.21 4.38 2.20
N LEU A 25 -1.86 3.25 1.90
CA LEU A 25 -2.08 2.83 0.53
C LEU A 25 -2.96 3.83 -0.21
N LYS A 26 -3.77 4.58 0.55
CA LYS A 26 -4.65 5.58 -0.03
C LYS A 26 -3.89 6.85 -0.36
N VAL A 27 -3.31 7.47 0.66
CA VAL A 27 -2.55 8.70 0.48
C VAL A 27 -1.35 8.48 -0.44
N HIS A 28 -1.04 7.22 -0.70
CA HIS A 28 0.08 6.86 -1.57
C HIS A 28 -0.23 7.19 -3.01
N ILE A 29 -1.14 6.42 -3.62
CA ILE A 29 -1.53 6.63 -5.00
C ILE A 29 -2.15 8.01 -5.19
N GLU A 30 -2.73 8.54 -4.13
CA GLU A 30 -3.35 9.86 -4.18
C GLU A 30 -2.31 10.95 -4.41
N ARG A 31 -1.08 10.67 -4.01
CA ARG A 31 0.02 11.62 -4.17
C ARG A 31 1.19 10.99 -4.91
N VAL A 32 1.80 9.98 -4.29
CA VAL A 32 2.93 9.29 -4.89
C VAL A 32 2.72 9.06 -6.38
N HIS A 33 1.76 8.18 -6.70
CA HIS A 33 1.45 7.88 -8.09
C HIS A 33 0.35 8.79 -8.62
N LYS A 34 0.75 9.88 -9.28
CA LYS A 34 -0.20 10.83 -9.83
C LYS A 34 0.05 11.04 -11.32
N LYS A 35 -0.42 10.09 -12.14
CA LYS A 35 -0.25 10.17 -13.58
C LYS A 35 -1.41 9.50 -14.30
N ILE A 36 -1.82 10.08 -15.43
CA ILE A 36 -2.92 9.53 -16.21
C ILE A 36 -2.45 8.40 -17.11
N LYS A 37 -3.29 7.39 -17.28
CA LYS A 37 -2.96 6.25 -18.13
C LYS A 37 -3.89 6.17 -19.33
ZN ZN B . 3.73 2.88 -4.93
N GLY A 1 8.91 -15.26 16.49
CA GLY A 1 9.17 -14.98 17.89
C GLY A 1 8.32 -13.85 18.43
N SER A 2 8.55 -12.65 17.90
CA SER A 2 7.81 -11.47 18.35
C SER A 2 6.49 -11.36 17.60
N SER A 3 5.60 -10.51 18.10
CA SER A 3 4.29 -10.32 17.49
C SER A 3 4.25 -9.00 16.70
N GLY A 4 3.32 -8.92 15.76
CA GLY A 4 3.19 -7.72 14.95
C GLY A 4 2.39 -7.96 13.67
N SER A 5 3.08 -8.01 12.55
CA SER A 5 2.43 -8.23 11.26
C SER A 5 1.42 -9.36 11.35
N SER A 6 0.16 -9.06 11.02
CA SER A 6 -0.90 -10.06 11.07
C SER A 6 -2.05 -9.67 10.16
N GLY A 7 -2.33 -10.51 9.16
CA GLY A 7 -3.41 -10.22 8.23
C GLY A 7 -3.21 -8.93 7.48
N GLU A 8 -1.97 -8.66 7.08
CA GLU A 8 -1.65 -7.44 6.35
C GLU A 8 -1.36 -7.74 4.88
N LYS A 9 -2.41 -7.86 4.09
CA LYS A 9 -2.28 -8.15 2.67
C LYS A 9 -2.63 -6.92 1.83
N PHE A 10 -2.22 -5.75 2.29
CA PHE A 10 -2.51 -4.51 1.58
C PHE A 10 -1.22 -3.75 1.28
N ALA A 11 -0.76 -3.84 0.04
CA ALA A 11 0.46 -3.17 -0.38
C ALA A 11 0.29 -2.50 -1.74
N CYS A 12 1.03 -1.42 -1.96
CA CYS A 12 0.95 -0.69 -3.22
C CYS A 12 1.22 -1.60 -4.41
N ASP A 13 0.40 -1.50 -5.43
CA ASP A 13 0.54 -2.32 -6.63
C ASP A 13 1.57 -1.72 -7.57
N TYR A 14 1.47 -0.42 -7.81
CA TYR A 14 2.39 0.27 -8.71
C TYR A 14 3.84 0.02 -8.30
N CYS A 15 4.11 0.10 -6.99
CA CYS A 15 5.45 -0.12 -6.47
C CYS A 15 5.42 -1.08 -5.29
N SER A 16 6.59 -1.44 -4.80
CA SER A 16 6.70 -2.35 -3.66
C SER A 16 6.79 -1.59 -2.35
N PHE A 17 5.83 -0.70 -2.12
CA PHE A 17 5.81 0.10 -0.90
C PHE A 17 4.97 -0.58 0.18
N THR A 18 5.59 -0.78 1.35
CA THR A 18 4.92 -1.43 2.46
C THR A 18 4.72 -0.46 3.63
N CYS A 19 3.55 -0.53 4.25
CA CYS A 19 3.23 0.35 5.38
C CYS A 19 2.31 -0.35 6.36
N LEU A 20 2.13 0.26 7.53
CA LEU A 20 1.27 -0.30 8.57
C LEU A 20 0.09 0.62 8.86
N SER A 21 -0.56 1.10 7.79
CA SER A 21 -1.70 2.00 7.93
C SER A 21 -2.71 1.76 6.81
N LYS A 22 -3.97 2.10 7.08
CA LYS A 22 -5.03 1.93 6.09
C LYS A 22 -5.09 3.13 5.15
N GLY A 23 -4.96 4.33 5.72
CA GLY A 23 -5.00 5.53 4.91
C GLY A 23 -3.68 5.82 4.21
N HIS A 24 -2.57 5.58 4.92
CA HIS A 24 -1.25 5.81 4.37
C HIS A 24 -1.08 5.11 3.02
N LEU A 25 -1.96 4.14 2.77
CA LEU A 25 -1.92 3.38 1.52
C LEU A 25 -2.70 4.11 0.42
N LYS A 26 -3.70 4.87 0.82
CA LYS A 26 -4.51 5.62 -0.12
C LYS A 26 -3.84 6.92 -0.52
N VAL A 27 -3.14 7.53 0.42
CA VAL A 27 -2.43 8.79 0.17
C VAL A 27 -1.11 8.54 -0.55
N HIS A 28 -0.57 7.34 -0.39
CA HIS A 28 0.69 6.98 -1.03
C HIS A 28 0.60 7.13 -2.54
N ILE A 29 -0.48 6.60 -3.11
CA ILE A 29 -0.69 6.68 -4.55
C ILE A 29 -1.32 8.00 -4.95
N GLU A 30 -2.20 8.52 -4.09
CA GLU A 30 -2.87 9.78 -4.34
C GLU A 30 -1.86 10.92 -4.50
N ARG A 31 -0.61 10.64 -4.15
CA ARG A 31 0.46 11.63 -4.25
C ARG A 31 1.61 11.12 -5.11
N VAL A 32 2.22 10.01 -4.68
CA VAL A 32 3.33 9.43 -5.41
C VAL A 32 2.95 9.15 -6.86
N HIS A 33 2.14 8.10 -7.06
CA HIS A 33 1.71 7.73 -8.40
C HIS A 33 0.44 8.48 -8.79
N LYS A 34 0.60 9.76 -9.10
CA LYS A 34 -0.54 10.60 -9.49
C LYS A 34 -0.39 11.08 -10.93
N LYS A 35 -1.50 11.07 -11.67
CA LYS A 35 -1.50 11.51 -13.05
C LYS A 35 -2.22 12.84 -13.21
N ILE A 36 -1.52 13.93 -12.89
CA ILE A 36 -2.09 15.27 -13.00
C ILE A 36 -2.25 15.69 -14.45
N LYS A 37 -3.28 16.47 -14.73
CA LYS A 37 -3.54 16.95 -16.08
C LYS A 37 -3.34 18.45 -16.18
ZN ZN B . 3.62 2.93 -4.63
N GLY A 1 -15.36 -13.49 6.93
CA GLY A 1 -15.36 -14.11 8.23
C GLY A 1 -14.61 -13.29 9.27
N SER A 2 -14.07 -13.97 10.28
CA SER A 2 -13.32 -13.29 11.33
C SER A 2 -11.84 -13.22 11.00
N SER A 3 -11.24 -12.06 11.21
CA SER A 3 -9.83 -11.85 10.92
C SER A 3 -8.96 -12.83 11.72
N GLY A 4 -7.95 -13.39 11.06
CA GLY A 4 -7.07 -14.34 11.73
C GLY A 4 -6.23 -13.69 12.81
N SER A 5 -5.16 -14.36 13.21
CA SER A 5 -4.28 -13.85 14.25
C SER A 5 -3.16 -13.00 13.65
N SER A 6 -2.86 -13.24 12.37
CA SER A 6 -1.82 -12.50 11.68
C SER A 6 -2.27 -11.08 11.36
N GLY A 7 -3.51 -10.97 10.89
CA GLY A 7 -4.06 -9.66 10.54
C GLY A 7 -4.21 -9.48 9.04
N GLU A 8 -3.81 -8.31 8.55
CA GLU A 8 -3.91 -8.00 7.13
C GLU A 8 -3.07 -6.77 6.78
N LYS A 9 -2.31 -6.88 5.69
CA LYS A 9 -1.47 -5.79 5.24
C LYS A 9 -1.79 -5.40 3.80
N PHE A 10 -1.21 -4.29 3.34
CA PHE A 10 -1.44 -3.82 1.98
C PHE A 10 -0.14 -3.42 1.31
N ALA A 11 0.12 -3.96 0.13
CA ALA A 11 1.34 -3.67 -0.61
C ALA A 11 1.01 -2.96 -1.93
N CYS A 12 1.50 -1.73 -2.07
CA CYS A 12 1.27 -0.94 -3.27
C CYS A 12 1.54 -1.78 -4.53
N ASP A 13 0.73 -1.56 -5.56
CA ASP A 13 0.88 -2.28 -6.81
C ASP A 13 1.90 -1.60 -7.72
N TYR A 14 1.63 -0.34 -8.08
CA TYR A 14 2.53 0.41 -8.94
C TYR A 14 3.98 0.18 -8.56
N CYS A 15 4.31 0.47 -7.30
CA CYS A 15 5.68 0.30 -6.81
C CYS A 15 5.72 -0.76 -5.72
N SER A 16 6.93 -1.12 -5.29
CA SER A 16 7.11 -2.12 -4.26
C SER A 16 7.07 -1.49 -2.87
N PHE A 17 6.08 -0.62 -2.65
CA PHE A 17 5.93 0.05 -1.37
C PHE A 17 4.91 -0.66 -0.49
N THR A 18 5.32 -1.01 0.72
CA THR A 18 4.44 -1.70 1.67
C THR A 18 4.10 -0.82 2.86
N CYS A 19 2.93 -1.04 3.44
CA CYS A 19 2.50 -0.26 4.60
C CYS A 19 1.42 -1.01 5.38
N LEU A 20 1.36 -0.74 6.69
CA LEU A 20 0.38 -1.40 7.55
C LEU A 20 -0.94 -0.64 7.53
N SER A 21 -0.90 0.65 7.85
CA SER A 21 -2.10 1.47 7.86
C SER A 21 -2.72 1.57 6.47
N LYS A 22 -4.03 1.52 6.41
CA LYS A 22 -4.76 1.61 5.16
C LYS A 22 -4.66 3.01 4.56
N GLY A 23 -5.05 4.00 5.34
CA GLY A 23 -5.00 5.38 4.88
C GLY A 23 -3.63 5.74 4.32
N HIS A 24 -2.58 5.26 4.97
CA HIS A 24 -1.22 5.55 4.53
C HIS A 24 -1.03 5.19 3.05
N LEU A 25 -1.33 3.95 2.71
CA LEU A 25 -1.21 3.47 1.34
C LEU A 25 -2.02 4.34 0.38
N LYS A 26 -3.28 4.59 0.75
CA LYS A 26 -4.15 5.41 -0.07
C LYS A 26 -3.50 6.75 -0.41
N VAL A 27 -3.15 7.51 0.62
CA VAL A 27 -2.51 8.81 0.43
C VAL A 27 -1.22 8.66 -0.38
N HIS A 28 -0.47 7.61 -0.09
CA HIS A 28 0.79 7.37 -0.78
C HIS A 28 0.60 7.40 -2.29
N ILE A 29 -0.33 6.58 -2.78
CA ILE A 29 -0.61 6.53 -4.21
C ILE A 29 -1.40 7.75 -4.67
N GLU A 30 -2.27 8.25 -3.81
CA GLU A 30 -3.09 9.42 -4.12
C GLU A 30 -2.21 10.65 -4.30
N ARG A 31 -0.94 10.53 -3.93
CA ARG A 31 0.01 11.63 -4.04
C ARG A 31 1.20 11.24 -4.91
N VAL A 32 1.94 10.23 -4.46
CA VAL A 32 3.11 9.75 -5.19
C VAL A 32 2.75 9.38 -6.62
N HIS A 33 1.89 8.37 -6.76
CA HIS A 33 1.46 7.91 -8.08
C HIS A 33 0.35 8.80 -8.63
N LYS A 34 0.71 9.97 -9.13
CA LYS A 34 -0.25 10.91 -9.68
C LYS A 34 0.08 11.25 -11.13
N LYS A 35 -0.37 10.40 -12.04
CA LYS A 35 -0.13 10.60 -13.46
C LYS A 35 -0.59 11.98 -13.91
N ILE A 36 -0.16 12.40 -15.09
CA ILE A 36 -0.53 13.70 -15.64
C ILE A 36 -1.54 13.57 -16.78
N LYS A 37 -2.41 14.56 -16.91
CA LYS A 37 -3.42 14.55 -17.96
C LYS A 37 -4.10 15.91 -18.06
ZN ZN B . 3.47 3.18 -4.77
N GLY A 1 16.00 -14.63 11.55
CA GLY A 1 15.01 -13.96 10.74
C GLY A 1 13.59 -14.20 11.23
N SER A 2 13.01 -13.20 11.87
CA SER A 2 11.66 -13.31 12.40
C SER A 2 10.64 -13.49 11.27
N SER A 3 9.66 -14.36 11.50
CA SER A 3 8.64 -14.63 10.50
C SER A 3 7.52 -13.59 10.57
N GLY A 4 7.06 -13.30 11.78
CA GLY A 4 6.00 -12.33 11.97
C GLY A 4 4.63 -12.93 11.78
N SER A 5 3.75 -12.20 11.09
CA SER A 5 2.39 -12.66 10.84
C SER A 5 2.02 -12.47 9.38
N SER A 6 0.87 -13.03 8.99
CA SER A 6 0.40 -12.93 7.62
C SER A 6 -0.89 -12.11 7.54
N GLY A 7 -1.91 -12.56 8.25
CA GLY A 7 -3.17 -11.85 8.24
C GLY A 7 -3.56 -11.33 6.87
N GLU A 8 -3.83 -10.05 6.78
CA GLU A 8 -4.21 -9.43 5.51
C GLU A 8 -3.76 -7.97 5.46
N LYS A 9 -2.93 -7.65 4.46
CA LYS A 9 -2.43 -6.29 4.30
C LYS A 9 -2.52 -5.85 2.84
N PHE A 10 -2.59 -4.54 2.63
CA PHE A 10 -2.68 -3.99 1.27
C PHE A 10 -1.36 -3.32 0.87
N ALA A 11 -0.60 -4.00 0.04
CA ALA A 11 0.68 -3.48 -0.42
C ALA A 11 0.58 -2.97 -1.85
N CYS A 12 0.92 -1.70 -2.06
CA CYS A 12 0.87 -1.09 -3.39
C CYS A 12 1.69 -1.90 -4.38
N ASP A 13 1.04 -2.33 -5.47
CA ASP A 13 1.71 -3.11 -6.50
C ASP A 13 2.55 -2.21 -7.40
N TYR A 14 1.98 -1.08 -7.79
CA TYR A 14 2.67 -0.14 -8.65
C TYR A 14 4.14 -0.01 -8.27
N CYS A 15 4.39 0.14 -6.98
CA CYS A 15 5.75 0.28 -6.47
C CYS A 15 6.00 -0.70 -5.32
N SER A 16 7.26 -0.84 -4.93
CA SER A 16 7.63 -1.74 -3.85
C SER A 16 7.56 -1.03 -2.50
N PHE A 17 6.52 -0.21 -2.33
CA PHE A 17 6.34 0.54 -1.09
C PHE A 17 5.57 -0.30 -0.07
N THR A 18 6.01 -0.24 1.18
CA THR A 18 5.37 -1.00 2.26
C THR A 18 4.90 -0.07 3.37
N CYS A 19 3.69 -0.30 3.87
CA CYS A 19 3.13 0.51 4.93
C CYS A 19 2.27 -0.33 5.87
N LEU A 20 2.15 0.10 7.12
CA LEU A 20 1.35 -0.62 8.11
C LEU A 20 0.16 0.22 8.55
N SER A 21 -0.51 0.85 7.58
CA SER A 21 -1.67 1.68 7.87
C SER A 21 -2.47 1.95 6.60
N LYS A 22 -3.71 1.49 6.58
CA LYS A 22 -4.58 1.68 5.42
C LYS A 22 -4.47 3.10 4.89
N GLY A 23 -4.72 4.08 5.75
CA GLY A 23 -4.64 5.47 5.35
C GLY A 23 -3.39 5.77 4.56
N HIS A 24 -2.24 5.38 5.11
CA HIS A 24 -0.95 5.62 4.45
C HIS A 24 -1.02 5.24 2.97
N LEU A 25 -1.62 4.09 2.69
CA LEU A 25 -1.76 3.61 1.31
C LEU A 25 -2.58 4.57 0.48
N LYS A 26 -3.69 5.04 1.05
CA LYS A 26 -4.58 5.97 0.36
C LYS A 26 -3.83 7.24 -0.03
N VAL A 27 -3.18 7.86 0.95
CA VAL A 27 -2.43 9.09 0.72
C VAL A 27 -1.23 8.82 -0.19
N HIS A 28 -0.69 7.61 -0.11
CA HIS A 28 0.46 7.23 -0.92
C HIS A 28 0.14 7.35 -2.41
N ILE A 29 -0.85 6.59 -2.86
CA ILE A 29 -1.25 6.61 -4.26
C ILE A 29 -1.79 7.98 -4.66
N GLU A 30 -2.38 8.67 -3.70
CA GLU A 30 -2.94 10.00 -3.94
C GLU A 30 -1.93 10.89 -4.65
N ARG A 31 -0.65 10.74 -4.28
CA ARG A 31 0.42 11.54 -4.86
C ARG A 31 1.41 10.64 -5.60
N VAL A 32 1.94 9.65 -4.89
CA VAL A 32 2.90 8.72 -5.47
C VAL A 32 2.49 8.30 -6.88
N HIS A 33 1.20 8.00 -7.05
CA HIS A 33 0.67 7.60 -8.34
C HIS A 33 -0.62 8.33 -8.66
N LYS A 34 -0.50 9.61 -9.02
CA LYS A 34 -1.67 10.43 -9.35
C LYS A 34 -2.48 9.78 -10.47
N LYS A 35 -3.77 10.11 -10.52
CA LYS A 35 -4.65 9.57 -11.55
C LYS A 35 -4.26 10.10 -12.93
N ILE A 36 -4.37 9.24 -13.94
CA ILE A 36 -4.03 9.63 -15.30
C ILE A 36 -4.85 10.83 -15.75
N LYS A 37 -6.13 10.83 -15.40
CA LYS A 37 -7.02 11.93 -15.77
C LYS A 37 -6.31 13.27 -15.61
ZN ZN B . 2.97 2.95 -5.01
N GLY A 1 7.41 -19.76 3.64
CA GLY A 1 6.21 -20.54 3.36
C GLY A 1 5.80 -21.40 4.54
N SER A 2 6.77 -22.06 5.16
CA SER A 2 6.50 -22.92 6.30
C SER A 2 6.25 -22.10 7.56
N SER A 3 7.21 -21.23 7.89
CA SER A 3 7.09 -20.39 9.07
C SER A 3 6.40 -19.07 8.73
N GLY A 4 5.33 -19.16 7.94
CA GLY A 4 4.59 -17.97 7.55
C GLY A 4 3.93 -18.11 6.20
N SER A 5 2.61 -18.23 6.20
CA SER A 5 1.85 -18.38 4.96
C SER A 5 0.55 -17.60 5.03
N SER A 6 -0.19 -17.61 3.91
CA SER A 6 -1.47 -16.90 3.84
C SER A 6 -1.40 -15.58 4.62
N GLY A 7 -0.28 -14.89 4.49
CA GLY A 7 -0.10 -13.62 5.18
C GLY A 7 -1.27 -12.68 4.97
N GLU A 8 -1.34 -11.63 5.77
CA GLU A 8 -2.41 -10.65 5.66
C GLU A 8 -1.87 -9.23 5.70
N LYS A 9 -1.46 -8.72 4.54
CA LYS A 9 -0.92 -7.37 4.43
C LYS A 9 -1.32 -6.72 3.11
N PHE A 10 -1.63 -5.43 3.16
CA PHE A 10 -2.03 -4.69 1.97
C PHE A 10 -0.93 -3.71 1.54
N ALA A 11 -0.21 -4.08 0.48
CA ALA A 11 0.86 -3.23 -0.03
C ALA A 11 0.53 -2.72 -1.44
N CYS A 12 1.05 -1.54 -1.76
CA CYS A 12 0.81 -0.93 -3.07
C CYS A 12 1.29 -1.86 -4.18
N ASP A 13 0.47 -2.01 -5.22
CA ASP A 13 0.81 -2.86 -6.35
C ASP A 13 1.82 -2.18 -7.27
N TYR A 14 1.47 -0.99 -7.75
CA TYR A 14 2.34 -0.23 -8.64
C TYR A 14 3.80 -0.32 -8.18
N CYS A 15 4.05 0.13 -6.95
CA CYS A 15 5.39 0.10 -6.39
C CYS A 15 5.50 -0.94 -5.27
N SER A 16 6.71 -1.40 -5.00
CA SER A 16 6.94 -2.39 -3.96
C SER A 16 7.02 -1.72 -2.59
N PHE A 17 6.09 -0.81 -2.33
CA PHE A 17 6.05 -0.10 -1.06
C PHE A 17 5.13 -0.81 -0.07
N THR A 18 5.58 -0.92 1.18
CA THR A 18 4.81 -1.58 2.22
C THR A 18 4.21 -0.56 3.19
N CYS A 19 3.05 -0.88 3.74
CA CYS A 19 2.38 0.00 4.68
C CYS A 19 1.62 -0.80 5.74
N LEU A 20 1.20 -0.11 6.80
CA LEU A 20 0.47 -0.76 7.88
C LEU A 20 -0.97 -0.24 7.96
N SER A 21 -1.11 1.09 7.88
CA SER A 21 -2.43 1.71 7.95
C SER A 21 -2.97 1.98 6.55
N LYS A 22 -4.29 2.09 6.44
CA LYS A 22 -4.94 2.34 5.17
C LYS A 22 -4.75 3.79 4.73
N GLY A 23 -5.00 4.71 5.67
CA GLY A 23 -4.85 6.13 5.37
C GLY A 23 -3.59 6.42 4.55
N HIS A 24 -2.44 6.07 5.10
CA HIS A 24 -1.17 6.30 4.42
C HIS A 24 -1.23 5.80 2.98
N LEU A 25 -1.73 4.58 2.81
CA LEU A 25 -1.83 3.98 1.48
C LEU A 25 -2.66 4.86 0.55
N LYS A 26 -3.58 5.62 1.13
CA LYS A 26 -4.42 6.51 0.35
C LYS A 26 -3.65 7.75 -0.11
N VAL A 27 -3.12 8.50 0.85
CA VAL A 27 -2.36 9.70 0.55
C VAL A 27 -1.11 9.37 -0.27
N HIS A 28 -0.72 8.09 -0.24
CA HIS A 28 0.45 7.64 -0.97
C HIS A 28 0.24 7.78 -2.49
N ILE A 29 -0.71 7.02 -3.00
CA ILE A 29 -1.03 7.06 -4.43
C ILE A 29 -1.44 8.46 -4.86
N GLU A 30 -2.26 9.11 -4.05
CA GLU A 30 -2.73 10.46 -4.34
C GLU A 30 -1.61 11.30 -4.95
N ARG A 31 -0.37 11.01 -4.55
CA ARG A 31 0.79 11.75 -5.06
C ARG A 31 1.80 10.80 -5.69
N VAL A 32 2.34 9.88 -4.88
CA VAL A 32 3.31 8.93 -5.37
C VAL A 32 2.96 8.45 -6.77
N HIS A 33 1.69 8.07 -6.96
CA HIS A 33 1.23 7.59 -8.26
C HIS A 33 0.19 8.55 -8.85
N LYS A 34 0.66 9.52 -9.62
CA LYS A 34 -0.22 10.51 -10.24
C LYS A 34 -0.30 10.27 -11.75
N LYS A 35 -0.36 9.01 -12.15
CA LYS A 35 -0.44 8.66 -13.56
C LYS A 35 -1.79 9.06 -14.15
N ILE A 36 -2.85 8.83 -13.38
CA ILE A 36 -4.20 9.17 -13.82
C ILE A 36 -4.19 10.44 -14.67
N LYS A 37 -4.92 10.41 -15.78
CA LYS A 37 -5.01 11.56 -16.67
C LYS A 37 -3.62 11.94 -17.21
ZN ZN B . 2.84 2.92 -4.77
N GLY A 1 5.04 -21.37 19.17
CA GLY A 1 5.12 -20.23 18.27
C GLY A 1 3.78 -19.54 18.08
N SER A 2 3.73 -18.25 18.40
CA SER A 2 2.51 -17.47 18.26
C SER A 2 2.71 -16.29 17.33
N SER A 3 2.48 -16.51 16.04
CA SER A 3 2.63 -15.46 15.04
C SER A 3 1.83 -15.79 13.78
N GLY A 4 1.69 -14.79 12.91
CA GLY A 4 0.95 -14.99 11.68
C GLY A 4 0.66 -13.69 10.95
N SER A 5 -0.54 -13.58 10.39
CA SER A 5 -0.94 -12.38 9.67
C SER A 5 -1.78 -11.46 10.56
N SER A 6 -1.43 -10.18 10.57
CA SER A 6 -2.16 -9.20 11.38
C SER A 6 -2.97 -8.25 10.49
N GLY A 7 -4.27 -8.52 10.40
CA GLY A 7 -5.13 -7.68 9.59
C GLY A 7 -4.73 -7.69 8.12
N GLU A 8 -5.47 -6.93 7.31
CA GLU A 8 -5.19 -6.86 5.88
C GLU A 8 -3.87 -6.14 5.62
N LYS A 9 -3.07 -6.70 4.71
CA LYS A 9 -1.78 -6.11 4.38
C LYS A 9 -1.64 -5.93 2.87
N PHE A 10 -2.16 -4.82 2.36
CA PHE A 10 -2.09 -4.53 0.93
C PHE A 10 -0.85 -3.72 0.59
N ALA A 11 -0.09 -4.20 -0.38
CA ALA A 11 1.13 -3.52 -0.80
C ALA A 11 0.96 -2.88 -2.17
N CYS A 12 1.54 -1.70 -2.35
CA CYS A 12 1.44 -0.98 -3.62
C CYS A 12 1.97 -1.83 -4.77
N ASP A 13 1.14 -2.01 -5.80
CA ASP A 13 1.53 -2.81 -6.96
C ASP A 13 2.59 -2.08 -7.79
N TYR A 14 2.17 -1.00 -8.43
CA TYR A 14 3.08 -0.22 -9.27
C TYR A 14 4.49 -0.21 -8.68
N CYS A 15 4.59 0.14 -7.41
CA CYS A 15 5.87 0.19 -6.72
C CYS A 15 5.86 -0.69 -5.48
N SER A 16 6.97 -1.40 -5.26
CA SER A 16 7.08 -2.29 -4.11
C SER A 16 7.24 -1.49 -2.82
N PHE A 17 6.19 -0.76 -2.45
CA PHE A 17 6.22 0.05 -1.24
C PHE A 17 5.45 -0.63 -0.10
N THR A 18 5.94 -0.46 1.12
CA THR A 18 5.31 -1.07 2.28
C THR A 18 4.58 -0.03 3.12
N CYS A 19 3.44 -0.41 3.69
CA CYS A 19 2.64 0.49 4.51
C CYS A 19 2.20 -0.19 5.80
N LEU A 20 1.93 0.61 6.82
CA LEU A 20 1.50 0.09 8.12
C LEU A 20 0.01 0.33 8.34
N SER A 21 -0.39 1.60 8.27
CA SER A 21 -1.79 1.96 8.46
C SER A 21 -2.55 1.93 7.14
N LYS A 22 -3.44 0.95 7.00
CA LYS A 22 -4.23 0.80 5.78
C LYS A 22 -4.60 2.16 5.21
N GLY A 23 -4.84 3.12 6.10
CA GLY A 23 -5.21 4.46 5.66
C GLY A 23 -4.08 5.16 4.93
N HIS A 24 -2.87 5.07 5.48
CA HIS A 24 -1.70 5.70 4.88
C HIS A 24 -1.59 5.34 3.40
N LEU A 25 -1.62 4.04 3.11
CA LEU A 25 -1.52 3.57 1.73
C LEU A 25 -2.26 4.50 0.78
N LYS A 26 -3.53 4.75 1.08
CA LYS A 26 -4.35 5.64 0.26
C LYS A 26 -3.59 6.91 -0.10
N VAL A 27 -2.96 7.52 0.90
CA VAL A 27 -2.20 8.75 0.69
C VAL A 27 -1.08 8.53 -0.32
N HIS A 28 -0.34 7.44 -0.15
CA HIS A 28 0.76 7.12 -1.05
C HIS A 28 0.36 7.33 -2.51
N ILE A 29 -0.61 6.55 -2.97
CA ILE A 29 -1.09 6.65 -4.35
C ILE A 29 -1.73 8.01 -4.60
N GLU A 30 -2.54 8.46 -3.66
CA GLU A 30 -3.21 9.75 -3.79
C GLU A 30 -2.26 10.81 -4.33
N ARG A 31 -0.97 10.59 -4.13
CA ARG A 31 0.05 11.52 -4.60
C ARG A 31 1.13 10.79 -5.39
N VAL A 32 1.89 9.93 -4.71
CA VAL A 32 2.95 9.18 -5.35
C VAL A 32 2.54 8.69 -6.73
N HIS A 33 1.38 8.03 -6.80
CA HIS A 33 0.86 7.51 -8.05
C HIS A 33 -0.41 8.25 -8.47
N LYS A 34 -0.23 9.36 -9.18
CA LYS A 34 -1.35 10.16 -9.63
C LYS A 34 -1.61 9.94 -11.13
N LYS A 35 -2.88 9.82 -11.50
CA LYS A 35 -3.26 9.61 -12.88
C LYS A 35 -4.74 9.90 -13.10
N ILE A 36 -5.10 10.26 -14.33
CA ILE A 36 -6.48 10.56 -14.66
C ILE A 36 -7.34 9.30 -14.67
N LYS A 37 -8.53 9.40 -14.09
CA LYS A 37 -9.45 8.27 -14.04
C LYS A 37 -9.52 7.55 -15.37
ZN ZN B . 3.59 3.08 -5.04
N GLY A 1 -5.04 -17.37 19.54
CA GLY A 1 -4.36 -16.59 20.54
C GLY A 1 -4.33 -15.11 20.22
N SER A 2 -3.28 -14.42 20.68
CA SER A 2 -3.14 -13.00 20.43
C SER A 2 -1.82 -12.70 19.71
N SER A 3 -1.92 -12.35 18.43
CA SER A 3 -0.73 -12.05 17.63
C SER A 3 -1.07 -11.08 16.50
N GLY A 4 -0.05 -10.47 15.92
CA GLY A 4 -0.26 -9.53 14.84
C GLY A 4 0.04 -10.13 13.48
N SER A 5 -0.10 -9.32 12.43
CA SER A 5 0.17 -9.79 11.07
C SER A 5 -0.75 -10.95 10.71
N SER A 6 -2.02 -10.82 11.08
CA SER A 6 -3.01 -11.87 10.80
C SER A 6 -3.86 -11.48 9.60
N GLY A 7 -4.50 -10.32 9.67
CA GLY A 7 -5.35 -9.86 8.58
C GLY A 7 -4.57 -9.64 7.31
N GLU A 8 -5.29 -9.41 6.22
CA GLU A 8 -4.66 -9.17 4.92
C GLU A 8 -4.19 -7.72 4.79
N LYS A 9 -2.88 -7.53 4.74
CA LYS A 9 -2.31 -6.20 4.61
C LYS A 9 -2.48 -5.66 3.20
N PHE A 10 -2.04 -4.43 2.98
CA PHE A 10 -2.14 -3.81 1.66
C PHE A 10 -0.85 -3.07 1.31
N ALA A 11 -0.24 -3.49 0.20
CA ALA A 11 1.00 -2.88 -0.26
C ALA A 11 0.84 -2.27 -1.64
N CYS A 12 1.44 -1.10 -1.85
CA CYS A 12 1.36 -0.42 -3.14
C CYS A 12 1.68 -1.37 -4.28
N ASP A 13 0.88 -1.30 -5.34
CA ASP A 13 1.07 -2.16 -6.50
C ASP A 13 2.13 -1.58 -7.43
N TYR A 14 1.92 -0.32 -7.84
CA TYR A 14 2.86 0.35 -8.74
C TYR A 14 4.30 0.12 -8.30
N CYS A 15 4.55 0.29 -7.01
CA CYS A 15 5.88 0.11 -6.46
C CYS A 15 5.86 -0.89 -5.30
N SER A 16 7.04 -1.26 -4.81
CA SER A 16 7.16 -2.20 -3.71
C SER A 16 7.11 -1.48 -2.37
N PHE A 17 6.19 -0.53 -2.24
CA PHE A 17 6.05 0.23 -1.01
C PHE A 17 5.00 -0.40 -0.10
N THR A 18 5.32 -0.50 1.19
CA THR A 18 4.42 -1.08 2.16
C THR A 18 4.49 -0.34 3.49
N CYS A 19 3.40 -0.40 4.25
CA CYS A 19 3.33 0.27 5.55
C CYS A 19 2.40 -0.48 6.50
N LEU A 20 2.54 -0.20 7.79
CA LEU A 20 1.71 -0.85 8.80
C LEU A 20 0.24 -0.45 8.64
N SER A 21 -0.01 0.84 8.47
CA SER A 21 -1.36 1.35 8.31
C SER A 21 -1.76 1.33 6.84
N LYS A 22 -3.02 0.96 6.58
CA LYS A 22 -3.53 0.91 5.22
C LYS A 22 -3.99 2.29 4.75
N GLY A 23 -4.79 2.95 5.58
CA GLY A 23 -5.29 4.27 5.23
C GLY A 23 -4.21 5.16 4.64
N HIS A 24 -3.02 5.10 5.22
CA HIS A 24 -1.90 5.91 4.75
C HIS A 24 -1.59 5.61 3.28
N LEU A 25 -1.48 4.32 2.96
CA LEU A 25 -1.19 3.90 1.59
C LEU A 25 -2.00 4.72 0.59
N LYS A 26 -3.19 5.15 1.00
CA LYS A 26 -4.05 5.95 0.15
C LYS A 26 -3.35 7.23 -0.31
N VAL A 27 -2.89 8.01 0.67
CA VAL A 27 -2.20 9.25 0.39
C VAL A 27 -1.03 9.03 -0.56
N HIS A 28 -0.32 7.92 -0.38
CA HIS A 28 0.82 7.59 -1.21
C HIS A 28 0.44 7.60 -2.69
N ILE A 29 -0.37 6.61 -3.10
CA ILE A 29 -0.81 6.52 -4.48
C ILE A 29 -1.58 7.76 -4.91
N GLU A 30 -2.41 8.28 -4.01
CA GLU A 30 -3.20 9.47 -4.29
C GLU A 30 -2.39 10.48 -5.10
N ARG A 31 -1.12 10.65 -4.73
CA ARG A 31 -0.24 11.58 -5.42
C ARG A 31 0.90 10.84 -6.11
N VAL A 32 1.60 10.01 -5.35
CA VAL A 32 2.72 9.24 -5.89
C VAL A 32 2.35 8.59 -7.22
N HIS A 33 1.29 7.79 -7.20
CA HIS A 33 0.83 7.10 -8.40
C HIS A 33 -0.51 7.68 -8.88
N LYS A 34 -0.44 8.76 -9.63
CA LYS A 34 -1.64 9.41 -10.15
C LYS A 34 -1.56 9.57 -11.67
N LYS A 35 -0.50 10.23 -12.13
CA LYS A 35 -0.31 10.45 -13.56
C LYS A 35 0.53 9.32 -14.17
N ILE A 36 0.14 8.89 -15.36
CA ILE A 36 0.86 7.82 -16.05
C ILE A 36 1.86 8.40 -17.05
N LYS A 37 3.09 7.89 -17.01
CA LYS A 37 4.14 8.34 -17.91
C LYS A 37 3.57 8.65 -19.30
ZN ZN B . 3.89 3.39 -4.61
N GLY A 1 -1.93 -13.71 11.09
CA GLY A 1 -0.73 -14.52 11.12
C GLY A 1 -0.44 -15.08 12.51
N SER A 2 0.02 -16.31 12.56
CA SER A 2 0.33 -16.96 13.83
C SER A 2 0.94 -15.96 14.81
N SER A 3 1.87 -15.14 14.32
CA SER A 3 2.52 -14.14 15.16
C SER A 3 2.49 -12.77 14.49
N GLY A 4 1.97 -11.78 15.22
CA GLY A 4 1.89 -10.44 14.68
C GLY A 4 0.82 -10.30 13.60
N SER A 5 -0.07 -9.33 13.77
CA SER A 5 -1.14 -9.10 12.81
C SER A 5 -1.26 -7.62 12.48
N SER A 6 -0.59 -7.21 11.40
CA SER A 6 -0.62 -5.81 10.97
C SER A 6 -1.83 -5.54 10.08
N GLY A 7 -2.09 -6.47 9.15
CA GLY A 7 -3.20 -6.32 8.24
C GLY A 7 -3.25 -7.41 7.19
N GLU A 8 -4.07 -7.21 6.17
CA GLU A 8 -4.20 -8.19 5.10
C GLU A 8 -3.09 -8.03 4.07
N LYS A 9 -1.87 -7.81 4.55
CA LYS A 9 -0.72 -7.64 3.69
C LYS A 9 -1.09 -6.85 2.44
N PHE A 10 -1.85 -5.77 2.64
CA PHE A 10 -2.27 -4.92 1.53
C PHE A 10 -1.21 -3.86 1.21
N ALA A 11 -0.42 -4.13 0.18
CA ALA A 11 0.63 -3.21 -0.23
C ALA A 11 0.34 -2.63 -1.62
N CYS A 12 0.98 -1.50 -1.92
CA CYS A 12 0.79 -0.84 -3.21
C CYS A 12 1.32 -1.72 -4.35
N ASP A 13 0.53 -1.84 -5.40
CA ASP A 13 0.92 -2.64 -6.55
C ASP A 13 1.95 -1.91 -7.40
N TYR A 14 1.61 -0.70 -7.84
CA TYR A 14 2.51 0.10 -8.66
C TYR A 14 3.96 -0.12 -8.25
N CYS A 15 4.26 0.20 -6.99
CA CYS A 15 5.62 0.05 -6.46
C CYS A 15 5.64 -0.95 -5.31
N SER A 16 6.82 -1.47 -5.02
CA SER A 16 6.98 -2.44 -3.94
C SER A 16 7.19 -1.74 -2.61
N PHE A 17 6.27 -0.83 -2.28
CA PHE A 17 6.34 -0.08 -1.03
C PHE A 17 5.33 -0.62 -0.01
N THR A 18 5.79 -0.79 1.23
CA THR A 18 4.93 -1.30 2.29
C THR A 18 4.50 -0.19 3.24
N CYS A 19 3.34 -0.35 3.85
CA CYS A 19 2.82 0.65 4.79
C CYS A 19 2.19 -0.02 6.00
N LEU A 20 2.20 0.68 7.12
CA LEU A 20 1.62 0.16 8.36
C LEU A 20 0.12 0.40 8.42
N SER A 21 -0.26 1.67 8.30
CA SER A 21 -1.67 2.04 8.34
C SER A 21 -2.27 2.06 6.94
N LYS A 22 -3.49 1.54 6.81
CA LYS A 22 -4.17 1.49 5.52
C LYS A 22 -4.46 2.90 5.01
N GLY A 23 -5.10 3.71 5.83
CA GLY A 23 -5.42 5.07 5.44
C GLY A 23 -4.27 5.75 4.72
N HIS A 24 -3.05 5.50 5.19
CA HIS A 24 -1.87 6.11 4.59
C HIS A 24 -1.74 5.68 3.13
N LEU A 25 -1.82 4.38 2.89
CA LEU A 25 -1.70 3.85 1.54
C LEU A 25 -2.55 4.66 0.55
N LYS A 26 -3.76 4.99 0.96
CA LYS A 26 -4.67 5.76 0.12
C LYS A 26 -3.99 7.05 -0.37
N VAL A 27 -3.26 7.70 0.53
CA VAL A 27 -2.56 8.93 0.17
C VAL A 27 -1.27 8.63 -0.58
N HIS A 28 -0.54 7.62 -0.14
CA HIS A 28 0.70 7.23 -0.78
C HIS A 28 0.57 7.24 -2.30
N ILE A 29 -0.53 6.68 -2.80
CA ILE A 29 -0.78 6.63 -4.23
C ILE A 29 -1.36 7.96 -4.73
N GLU A 30 -2.22 8.56 -3.92
CA GLU A 30 -2.84 9.83 -4.28
C GLU A 30 -1.78 10.91 -4.53
N ARG A 31 -0.54 10.61 -4.16
CA ARG A 31 0.56 11.54 -4.33
C ARG A 31 1.65 10.94 -5.22
N VAL A 32 2.19 9.80 -4.81
CA VAL A 32 3.23 9.13 -5.58
C VAL A 32 2.74 8.77 -6.97
N HIS A 33 1.76 7.89 -7.05
CA HIS A 33 1.20 7.47 -8.33
C HIS A 33 -0.12 8.16 -8.59
N LYS A 34 -0.06 9.36 -9.17
CA LYS A 34 -1.25 10.13 -9.49
C LYS A 34 -1.90 9.62 -10.77
N LYS A 35 -2.08 8.32 -10.86
CA LYS A 35 -2.70 7.70 -12.03
C LYS A 35 -1.98 8.14 -13.31
N ILE A 36 -0.65 8.20 -13.25
CA ILE A 36 0.14 8.60 -14.40
C ILE A 36 -0.01 7.61 -15.54
N LYS A 37 -0.08 8.13 -16.77
CA LYS A 37 -0.23 7.28 -17.95
C LYS A 37 0.75 7.70 -19.04
ZN ZN B . 3.32 2.86 -4.54
N GLY A 1 7.30 -24.44 11.09
CA GLY A 1 6.27 -23.54 10.62
C GLY A 1 6.72 -22.09 10.59
N SER A 2 6.17 -21.32 9.65
CA SER A 2 6.53 -19.91 9.53
C SER A 2 5.54 -19.03 10.28
N SER A 3 5.87 -17.76 10.41
CA SER A 3 5.02 -16.80 11.11
C SER A 3 4.05 -16.13 10.15
N GLY A 4 2.82 -15.90 10.60
CA GLY A 4 1.83 -15.26 9.77
C GLY A 4 0.41 -15.57 10.22
N SER A 5 0.14 -15.36 11.50
CA SER A 5 -1.18 -15.62 12.06
C SER A 5 -2.16 -14.53 11.65
N SER A 6 -1.79 -13.28 11.90
CA SER A 6 -2.63 -12.15 11.56
C SER A 6 -2.04 -11.35 10.40
N GLY A 7 -2.21 -11.86 9.19
CA GLY A 7 -1.69 -11.19 8.01
C GLY A 7 -2.71 -10.26 7.38
N GLU A 8 -3.10 -10.56 6.15
CA GLU A 8 -4.07 -9.75 5.43
C GLU A 8 -3.60 -8.29 5.33
N LYS A 9 -2.40 -8.11 4.79
CA LYS A 9 -1.82 -6.78 4.64
C LYS A 9 -1.83 -6.35 3.18
N PHE A 10 -2.32 -5.14 2.92
CA PHE A 10 -2.38 -4.62 1.55
C PHE A 10 -1.12 -3.81 1.23
N ALA A 11 -0.46 -4.17 0.14
CA ALA A 11 0.76 -3.48 -0.28
C ALA A 11 0.60 -2.90 -1.68
N CYS A 12 1.13 -1.70 -1.89
CA CYS A 12 1.06 -1.05 -3.19
C CYS A 12 1.56 -1.97 -4.30
N ASP A 13 0.73 -2.20 -5.31
CA ASP A 13 1.11 -3.05 -6.43
C ASP A 13 1.93 -2.29 -7.45
N TYR A 14 1.51 -1.06 -7.75
CA TYR A 14 2.22 -0.23 -8.72
C TYR A 14 3.72 -0.21 -8.43
N CYS A 15 4.07 -0.05 -7.15
CA CYS A 15 5.46 -0.02 -6.74
C CYS A 15 5.71 -0.99 -5.58
N SER A 16 6.96 -1.06 -5.15
CA SER A 16 7.33 -1.96 -4.05
C SER A 16 7.33 -1.21 -2.72
N PHE A 17 6.28 -0.40 -2.52
CA PHE A 17 6.16 0.37 -1.29
C PHE A 17 5.47 -0.44 -0.20
N THR A 18 5.77 -0.12 1.05
CA THR A 18 5.18 -0.83 2.19
C THR A 18 4.82 0.13 3.31
N CYS A 19 3.72 -0.15 3.99
CA CYS A 19 3.26 0.69 5.09
C CYS A 19 2.34 -0.08 6.02
N LEU A 20 2.22 0.40 7.26
CA LEU A 20 1.37 -0.25 8.25
C LEU A 20 -0.06 0.26 8.17
N SER A 21 -0.23 1.56 8.43
CA SER A 21 -1.55 2.17 8.38
C SER A 21 -2.30 1.78 7.11
N LYS A 22 -3.62 1.74 7.20
CA LYS A 22 -4.45 1.38 6.05
C LYS A 22 -4.73 2.60 5.17
N GLY A 23 -5.28 3.64 5.78
CA GLY A 23 -5.59 4.85 5.03
C GLY A 23 -4.37 5.40 4.30
N HIS A 24 -3.20 5.24 4.90
CA HIS A 24 -1.97 5.73 4.31
C HIS A 24 -1.87 5.29 2.85
N LEU A 25 -2.15 4.02 2.59
CA LEU A 25 -2.10 3.49 1.24
C LEU A 25 -2.74 4.44 0.24
N LYS A 26 -3.64 5.29 0.73
CA LYS A 26 -4.33 6.25 -0.12
C LYS A 26 -3.48 7.50 -0.32
N VAL A 27 -3.11 8.15 0.78
CA VAL A 27 -2.30 9.35 0.72
C VAL A 27 -0.99 9.10 -0.02
N HIS A 28 -0.68 7.83 -0.24
CA HIS A 28 0.54 7.43 -0.94
C HIS A 28 0.37 7.58 -2.44
N ILE A 29 -0.60 6.85 -3.00
CA ILE A 29 -0.87 6.89 -4.43
C ILE A 29 -1.38 8.28 -4.85
N GLU A 30 -2.20 8.88 -4.01
CA GLU A 30 -2.76 10.20 -4.29
C GLU A 30 -1.66 11.18 -4.68
N ARG A 31 -0.42 10.84 -4.32
CA ARG A 31 0.72 11.70 -4.62
C ARG A 31 1.77 10.94 -5.41
N VAL A 32 2.32 9.88 -4.81
CA VAL A 32 3.34 9.07 -5.45
C VAL A 32 2.93 8.72 -6.89
N HIS A 33 1.75 8.12 -7.04
CA HIS A 33 1.25 7.73 -8.34
C HIS A 33 0.19 8.72 -8.83
N LYS A 34 0.63 9.81 -9.44
CA LYS A 34 -0.28 10.83 -9.95
C LYS A 34 -1.31 10.21 -10.89
N LYS A 35 -2.37 10.96 -11.16
CA LYS A 35 -3.43 10.49 -12.05
C LYS A 35 -3.80 11.57 -13.07
N ILE A 36 -3.93 12.80 -12.60
CA ILE A 36 -4.28 13.91 -13.48
C ILE A 36 -3.27 14.05 -14.61
N LYS A 37 -2.00 13.82 -14.30
CA LYS A 37 -0.93 13.92 -15.29
C LYS A 37 0.23 13.00 -14.94
ZN ZN B . 3.15 3.04 -4.83
N GLY A 1 1.75 -15.95 0.80
CA GLY A 1 3.08 -16.53 0.76
C GLY A 1 3.96 -16.08 1.91
N SER A 2 4.39 -14.83 1.87
CA SER A 2 5.24 -14.27 2.91
C SER A 2 4.67 -14.60 4.29
N SER A 3 3.47 -14.11 4.56
CA SER A 3 2.81 -14.34 5.85
C SER A 3 1.51 -15.10 5.67
N GLY A 4 1.20 -15.99 6.62
CA GLY A 4 -0.01 -16.76 6.55
C GLY A 4 -1.25 -15.90 6.41
N SER A 5 -2.42 -16.53 6.49
CA SER A 5 -3.68 -15.81 6.36
C SER A 5 -4.19 -15.36 7.74
N SER A 6 -3.28 -14.86 8.56
CA SER A 6 -3.64 -14.40 9.90
C SER A 6 -4.60 -13.22 9.83
N GLY A 7 -4.31 -12.27 8.95
CA GLY A 7 -5.15 -11.10 8.81
C GLY A 7 -5.25 -10.63 7.38
N GLU A 8 -4.96 -9.35 7.16
CA GLU A 8 -5.02 -8.77 5.81
C GLU A 8 -3.81 -7.89 5.55
N LYS A 9 -3.48 -7.69 4.28
CA LYS A 9 -2.35 -6.88 3.89
C LYS A 9 -2.66 -6.09 2.61
N PHE A 10 -2.16 -4.86 2.54
CA PHE A 10 -2.39 -4.01 1.38
C PHE A 10 -1.13 -3.23 1.04
N ALA A 11 -0.52 -3.56 -0.10
CA ALA A 11 0.69 -2.89 -0.55
C ALA A 11 0.49 -2.26 -1.92
N CYS A 12 1.22 -1.17 -2.18
CA CYS A 12 1.12 -0.47 -3.45
C CYS A 12 1.39 -1.40 -4.61
N ASP A 13 0.80 -1.10 -5.77
CA ASP A 13 0.99 -1.92 -6.96
C ASP A 13 2.17 -1.42 -7.78
N TYR A 14 2.08 -0.19 -8.26
CA TYR A 14 3.15 0.40 -9.06
C TYR A 14 4.52 0.07 -8.48
N CYS A 15 4.71 0.44 -7.21
CA CYS A 15 5.98 0.18 -6.54
C CYS A 15 5.79 -0.79 -5.37
N SER A 16 6.90 -1.27 -4.82
CA SER A 16 6.85 -2.20 -3.71
C SER A 16 6.94 -1.47 -2.37
N PHE A 17 6.08 -0.47 -2.19
CA PHE A 17 6.07 0.31 -0.97
C PHE A 17 4.96 -0.16 -0.04
N THR A 18 5.20 -0.06 1.27
CA THR A 18 4.23 -0.47 2.26
C THR A 18 4.45 0.24 3.59
N CYS A 19 3.49 0.09 4.51
CA CYS A 19 3.60 0.73 5.82
C CYS A 19 2.72 0.01 6.84
N LEU A 20 2.81 0.42 8.10
CA LEU A 20 2.03 -0.18 9.17
C LEU A 20 0.69 0.52 9.33
N SER A 21 0.04 0.83 8.22
CA SER A 21 -1.25 1.51 8.24
C SER A 21 -1.95 1.38 6.90
N LYS A 22 -3.28 1.48 6.92
CA LYS A 22 -4.08 1.37 5.71
C LYS A 22 -4.08 2.70 4.95
N GLY A 23 -4.41 3.78 5.65
CA GLY A 23 -4.45 5.09 5.03
C GLY A 23 -3.13 5.45 4.36
N HIS A 24 -2.03 5.11 5.02
CA HIS A 24 -0.71 5.41 4.49
C HIS A 24 -0.59 4.96 3.03
N LEU A 25 -1.49 4.06 2.63
CA LEU A 25 -1.49 3.55 1.26
C LEU A 25 -2.42 4.36 0.37
N LYS A 26 -3.70 4.34 0.69
CA LYS A 26 -4.70 5.08 -0.07
C LYS A 26 -4.17 6.46 -0.45
N VAL A 27 -3.47 7.10 0.48
CA VAL A 27 -2.91 8.42 0.24
C VAL A 27 -1.62 8.34 -0.57
N HIS A 28 -0.83 7.29 -0.31
CA HIS A 28 0.43 7.10 -1.01
C HIS A 28 0.24 7.24 -2.52
N ILE A 29 -0.65 6.42 -3.08
CA ILE A 29 -0.93 6.45 -4.51
C ILE A 29 -1.60 7.76 -4.91
N GLU A 30 -2.54 8.22 -4.08
CA GLU A 30 -3.25 9.46 -4.35
C GLU A 30 -2.29 10.57 -4.76
N ARG A 31 -1.01 10.41 -4.41
CA ARG A 31 0.01 11.38 -4.75
C ARG A 31 1.18 10.72 -5.47
N VAL A 32 1.88 9.84 -4.78
CA VAL A 32 3.02 9.14 -5.35
C VAL A 32 2.75 8.75 -6.80
N HIS A 33 1.71 7.96 -7.01
CA HIS A 33 1.35 7.51 -8.35
C HIS A 33 0.01 8.12 -8.78
N LYS A 34 0.10 9.13 -9.66
CA LYS A 34 -1.10 9.81 -10.14
C LYS A 34 -1.42 9.36 -11.57
N LYS A 35 -2.54 9.86 -12.10
CA LYS A 35 -2.96 9.51 -13.45
C LYS A 35 -3.39 10.76 -14.22
N ILE A 36 -2.81 10.96 -15.40
CA ILE A 36 -3.14 12.11 -16.24
C ILE A 36 -4.30 11.80 -17.17
N LYS A 37 -5.30 11.09 -16.64
CA LYS A 37 -6.48 10.73 -17.42
C LYS A 37 -7.31 11.96 -17.76
ZN ZN B . 3.81 3.17 -4.79
N GLY A 1 12.73 -3.72 12.61
CA GLY A 1 11.97 -4.91 13.01
C GLY A 1 11.14 -5.47 11.87
N SER A 2 11.71 -6.44 11.16
CA SER A 2 11.03 -7.07 10.04
C SER A 2 11.18 -8.59 10.08
N SER A 3 10.05 -9.29 10.20
CA SER A 3 10.06 -10.75 10.25
C SER A 3 9.38 -11.34 9.02
N GLY A 4 10.11 -11.42 7.92
CA GLY A 4 9.58 -11.96 6.69
C GLY A 4 8.37 -11.19 6.20
N SER A 5 8.22 -11.10 4.88
CA SER A 5 7.10 -10.38 4.28
C SER A 5 6.03 -11.35 3.80
N SER A 6 5.19 -11.81 4.72
CA SER A 6 4.13 -12.75 4.39
C SER A 6 3.06 -12.77 5.48
N GLY A 7 1.80 -12.77 5.06
CA GLY A 7 0.71 -12.80 6.02
C GLY A 7 -0.50 -12.01 5.53
N GLU A 8 -1.22 -11.40 6.47
CA GLU A 8 -2.41 -10.62 6.13
C GLU A 8 -2.10 -9.13 6.15
N LYS A 9 -1.60 -8.62 5.03
CA LYS A 9 -1.26 -7.20 4.92
C LYS A 9 -1.57 -6.68 3.51
N PHE A 10 -1.45 -5.37 3.33
CA PHE A 10 -1.71 -4.75 2.04
C PHE A 10 -0.58 -3.81 1.65
N ALA A 11 -0.10 -3.94 0.41
CA ALA A 11 0.99 -3.11 -0.08
C ALA A 11 0.65 -2.54 -1.45
N CYS A 12 1.09 -1.30 -1.71
CA CYS A 12 0.84 -0.65 -2.98
C CYS A 12 1.17 -1.57 -4.14
N ASP A 13 0.23 -1.71 -5.07
CA ASP A 13 0.42 -2.57 -6.23
C ASP A 13 1.33 -1.89 -7.26
N TYR A 14 1.06 -0.61 -7.52
CA TYR A 14 1.86 0.15 -8.49
C TYR A 14 3.35 -0.10 -8.28
N CYS A 15 3.84 0.21 -7.10
CA CYS A 15 5.24 0.02 -6.77
C CYS A 15 5.41 -0.97 -5.62
N SER A 16 6.66 -1.26 -5.27
CA SER A 16 6.96 -2.20 -4.19
C SER A 16 6.95 -1.49 -2.84
N PHE A 17 5.95 -0.62 -2.64
CA PHE A 17 5.83 0.12 -1.40
C PHE A 17 4.87 -0.58 -0.44
N THR A 18 5.15 -0.47 0.86
CA THR A 18 4.31 -1.10 1.88
C THR A 18 3.86 -0.08 2.92
N CYS A 19 2.68 -0.30 3.48
CA CYS A 19 2.14 0.59 4.49
C CYS A 19 1.54 -0.19 5.66
N LEU A 20 1.44 0.46 6.81
CA LEU A 20 0.89 -0.17 8.00
C LEU A 20 -0.60 0.14 8.16
N SER A 21 -1.00 1.31 7.68
CA SER A 21 -2.40 1.74 7.77
C SER A 21 -3.03 1.81 6.39
N LYS A 22 -4.35 1.65 6.34
CA LYS A 22 -5.08 1.69 5.08
C LYS A 22 -5.09 3.10 4.51
N GLY A 23 -5.70 4.03 5.24
CA GLY A 23 -5.77 5.41 4.78
C GLY A 23 -4.41 5.94 4.34
N HIS A 24 -3.40 5.71 5.17
CA HIS A 24 -2.04 6.16 4.86
C HIS A 24 -1.62 5.72 3.46
N LEU A 25 -1.86 4.44 3.15
CA LEU A 25 -1.51 3.89 1.86
C LEU A 25 -2.01 4.78 0.73
N LYS A 26 -3.33 4.93 0.64
CA LYS A 26 -3.95 5.76 -0.39
C LYS A 26 -3.14 7.03 -0.62
N VAL A 27 -2.82 7.72 0.47
CA VAL A 27 -2.04 8.96 0.37
C VAL A 27 -0.80 8.77 -0.48
N HIS A 28 -0.03 7.72 -0.18
CA HIS A 28 1.18 7.42 -0.92
C HIS A 28 0.91 7.40 -2.42
N ILE A 29 -0.32 7.06 -2.79
CA ILE A 29 -0.71 7.00 -4.19
C ILE A 29 -1.03 8.38 -4.74
N GLU A 30 -1.73 9.18 -3.94
CA GLU A 30 -2.10 10.53 -4.33
C GLU A 30 -0.87 11.43 -4.43
N ARG A 31 0.26 10.93 -3.93
CA ARG A 31 1.51 11.69 -3.96
C ARG A 31 2.49 11.07 -4.94
N VAL A 32 2.49 9.75 -5.01
CA VAL A 32 3.40 9.03 -5.90
C VAL A 32 2.72 8.75 -7.25
N HIS A 33 1.69 7.90 -7.22
CA HIS A 33 0.96 7.54 -8.42
C HIS A 33 -0.32 8.37 -8.55
N LYS A 34 -0.20 9.54 -9.18
CA LYS A 34 -1.33 10.42 -9.37
C LYS A 34 -2.03 10.14 -10.69
N LYS A 35 -3.16 9.44 -10.62
CA LYS A 35 -3.93 9.10 -11.81
C LYS A 35 -4.70 10.31 -12.32
N ILE A 36 -5.51 10.90 -11.45
CA ILE A 36 -6.31 12.06 -11.81
C ILE A 36 -5.42 13.20 -12.31
N LYS A 37 -5.73 13.70 -13.50
CA LYS A 37 -4.96 14.79 -14.09
C LYS A 37 -5.03 16.05 -13.22
ZN ZN B . 3.19 2.96 -4.83
N GLY A 1 15.92 -13.58 8.45
CA GLY A 1 14.99 -12.48 8.66
C GLY A 1 13.58 -12.81 8.21
N SER A 2 12.60 -12.09 8.75
CA SER A 2 11.21 -12.32 8.40
C SER A 2 11.03 -12.41 6.89
N SER A 3 9.85 -12.84 6.47
CA SER A 3 9.55 -12.98 5.04
C SER A 3 8.25 -12.27 4.69
N GLY A 4 8.05 -11.09 5.26
CA GLY A 4 6.84 -10.32 4.99
C GLY A 4 5.85 -10.39 6.13
N SER A 5 5.69 -9.26 6.83
CA SER A 5 4.77 -9.20 7.96
C SER A 5 3.33 -9.41 7.50
N SER A 6 2.81 -10.61 7.77
CA SER A 6 1.45 -10.95 7.39
C SER A 6 0.44 -10.36 8.36
N GLY A 7 -0.63 -9.79 7.83
CA GLY A 7 -1.65 -9.19 8.66
C GLY A 7 -2.86 -8.73 7.87
N GLU A 8 -3.44 -7.60 8.28
CA GLU A 8 -4.61 -7.07 7.60
C GLU A 8 -4.28 -5.75 6.89
N LYS A 9 -3.73 -5.86 5.68
CA LYS A 9 -3.37 -4.68 4.91
C LYS A 9 -2.90 -5.07 3.51
N PHE A 10 -2.70 -4.08 2.65
CA PHE A 10 -2.25 -4.32 1.28
C PHE A 10 -1.12 -3.38 0.90
N ALA A 11 -0.13 -3.92 0.20
CA ALA A 11 1.02 -3.11 -0.23
C ALA A 11 0.81 -2.58 -1.65
N CYS A 12 1.27 -1.35 -1.88
CA CYS A 12 1.14 -0.72 -3.19
C CYS A 12 1.60 -1.67 -4.30
N ASP A 13 0.68 -1.97 -5.22
CA ASP A 13 0.99 -2.87 -6.33
C ASP A 13 1.78 -2.13 -7.42
N TYR A 14 1.32 -0.94 -7.76
CA TYR A 14 1.97 -0.14 -8.78
C TYR A 14 3.49 -0.17 -8.62
N CYS A 15 3.95 0.20 -7.42
CA CYS A 15 5.38 0.20 -7.14
C CYS A 15 5.71 -0.73 -5.97
N SER A 16 6.99 -0.83 -5.65
CA SER A 16 7.44 -1.69 -4.55
C SER A 16 7.46 -0.91 -3.24
N PHE A 17 6.40 -0.16 -2.98
CA PHE A 17 6.30 0.63 -1.76
C PHE A 17 5.66 -0.19 -0.64
N THR A 18 6.04 0.11 0.60
CA THR A 18 5.50 -0.59 1.76
C THR A 18 4.93 0.39 2.78
N CYS A 19 4.00 -0.09 3.59
CA CYS A 19 3.37 0.73 4.61
C CYS A 19 2.94 -0.11 5.80
N LEU A 20 2.42 0.56 6.84
CA LEU A 20 1.97 -0.12 8.04
C LEU A 20 0.45 -0.02 8.19
N SER A 21 -0.06 1.20 8.08
CA SER A 21 -1.50 1.44 8.20
C SER A 21 -2.24 0.94 6.97
N LYS A 22 -3.57 0.97 7.04
CA LYS A 22 -4.39 0.51 5.93
C LYS A 22 -4.60 1.64 4.92
N GLY A 23 -4.93 2.82 5.41
CA GLY A 23 -5.15 3.96 4.53
C GLY A 23 -3.87 4.49 3.93
N HIS A 24 -2.74 4.09 4.52
CA HIS A 24 -1.43 4.53 4.03
C HIS A 24 -1.26 4.19 2.56
N LEU A 25 -2.05 3.23 2.09
CA LEU A 25 -1.98 2.81 0.68
C LEU A 25 -2.80 3.73 -0.21
N LYS A 26 -4.08 3.91 0.17
CA LYS A 26 -4.97 4.77 -0.59
C LYS A 26 -4.40 6.18 -0.73
N VAL A 27 -3.71 6.63 0.32
CA VAL A 27 -3.11 7.96 0.32
C VAL A 27 -1.79 7.97 -0.43
N HIS A 28 -1.08 6.83 -0.39
CA HIS A 28 0.19 6.71 -1.08
C HIS A 28 0.09 7.14 -2.53
N ILE A 29 -0.67 6.39 -3.32
CA ILE A 29 -0.86 6.69 -4.73
C ILE A 29 -1.44 8.09 -4.91
N GLU A 30 -2.16 8.56 -3.90
CA GLU A 30 -2.77 9.89 -3.96
C GLU A 30 -1.73 10.94 -4.32
N ARG A 31 -0.53 10.82 -3.74
CA ARG A 31 0.54 11.77 -4.01
C ARG A 31 1.79 11.04 -4.49
N VAL A 32 2.30 10.13 -3.66
CA VAL A 32 3.50 9.37 -3.99
C VAL A 32 3.56 9.09 -5.49
N HIS A 33 2.42 8.78 -6.08
CA HIS A 33 2.33 8.49 -7.51
C HIS A 33 1.88 9.72 -8.29
N LYS A 34 0.60 10.03 -8.19
CA LYS A 34 0.04 11.19 -8.89
C LYS A 34 -1.16 11.75 -8.13
N LYS A 35 -1.25 13.09 -8.10
CA LYS A 35 -2.36 13.75 -7.41
C LYS A 35 -3.37 14.30 -8.41
N ILE A 36 -4.35 13.46 -8.77
CA ILE A 36 -5.38 13.87 -9.71
C ILE A 36 -5.81 15.31 -9.47
N LYS A 37 -5.90 16.08 -10.55
CA LYS A 37 -6.30 17.48 -10.46
C LYS A 37 -7.73 17.60 -9.96
ZN ZN B . 3.44 3.13 -4.99
N GLY A 1 2.43 -22.49 4.62
CA GLY A 1 3.41 -21.46 4.86
C GLY A 1 2.90 -20.07 4.49
N SER A 2 3.54 -19.46 3.50
CA SER A 2 3.16 -18.13 3.05
C SER A 2 2.63 -18.17 1.62
N SER A 3 1.34 -18.45 1.48
CA SER A 3 0.71 -18.52 0.17
C SER A 3 -0.29 -17.39 -0.03
N GLY A 4 -0.19 -16.70 -1.16
CA GLY A 4 -1.09 -15.60 -1.44
C GLY A 4 -1.26 -14.67 -0.26
N SER A 5 -2.51 -14.48 0.17
CA SER A 5 -2.80 -13.61 1.30
C SER A 5 -3.97 -14.15 2.11
N SER A 6 -3.67 -14.67 3.30
CA SER A 6 -4.69 -15.22 4.17
C SER A 6 -5.29 -14.12 5.06
N GLY A 7 -5.54 -12.96 4.47
CA GLY A 7 -6.10 -11.85 5.22
C GLY A 7 -6.15 -10.57 4.43
N GLU A 8 -6.57 -9.49 5.06
CA GLU A 8 -6.67 -8.19 4.40
C GLU A 8 -5.33 -7.46 4.45
N LYS A 9 -4.49 -7.69 3.46
CA LYS A 9 -3.17 -7.05 3.39
C LYS A 9 -2.90 -6.52 2.00
N PHE A 10 -3.34 -5.28 1.74
CA PHE A 10 -3.13 -4.65 0.44
C PHE A 10 -1.90 -3.75 0.47
N ALA A 11 -1.12 -3.80 -0.61
CA ALA A 11 0.08 -2.99 -0.72
C ALA A 11 0.21 -2.39 -2.12
N CYS A 12 0.93 -1.27 -2.22
CA CYS A 12 1.13 -0.60 -3.49
C CYS A 12 1.87 -1.51 -4.47
N ASP A 13 1.24 -1.77 -5.61
CA ASP A 13 1.85 -2.63 -6.63
C ASP A 13 2.89 -1.86 -7.43
N TYR A 14 2.50 -0.70 -7.96
CA TYR A 14 3.40 0.12 -8.75
C TYR A 14 4.79 0.16 -8.14
N CYS A 15 4.84 0.40 -6.83
CA CYS A 15 6.12 0.45 -6.12
C CYS A 15 6.12 -0.51 -4.94
N SER A 16 7.29 -1.05 -4.63
CA SER A 16 7.44 -2.00 -3.53
C SER A 16 7.60 -1.26 -2.20
N PHE A 17 6.67 -0.34 -1.93
CA PHE A 17 6.70 0.43 -0.69
C PHE A 17 5.80 -0.19 0.37
N THR A 18 6.24 -0.14 1.62
CA THR A 18 5.47 -0.70 2.72
C THR A 18 5.37 0.29 3.87
N CYS A 19 4.29 0.17 4.65
CA CYS A 19 4.07 1.06 5.78
C CYS A 19 3.22 0.37 6.85
N LEU A 20 3.02 1.06 7.97
CA LEU A 20 2.22 0.51 9.06
C LEU A 20 0.79 1.02 9.00
N SER A 21 0.63 2.32 8.78
CA SER A 21 -0.69 2.92 8.70
C SER A 21 -1.43 2.46 7.44
N LYS A 22 -2.53 1.75 7.65
CA LYS A 22 -3.33 1.25 6.54
C LYS A 22 -3.75 2.38 5.61
N GLY A 23 -3.65 3.61 6.10
CA GLY A 23 -4.03 4.76 5.31
C GLY A 23 -2.90 5.24 4.42
N HIS A 24 -1.71 5.35 4.98
CA HIS A 24 -0.54 5.81 4.24
C HIS A 24 -0.56 5.24 2.82
N LEU A 25 -1.19 4.08 2.65
CA LEU A 25 -1.28 3.45 1.33
C LEU A 25 -2.33 4.14 0.46
N LYS A 26 -3.54 4.23 0.97
CA LYS A 26 -4.64 4.86 0.24
C LYS A 26 -4.27 6.29 -0.15
N VAL A 27 -3.49 6.96 0.70
CA VAL A 27 -3.07 8.32 0.44
C VAL A 27 -1.81 8.35 -0.42
N HIS A 28 -0.92 7.38 -0.20
CA HIS A 28 0.32 7.29 -0.95
C HIS A 28 0.04 7.32 -2.45
N ILE A 29 -0.69 6.33 -2.94
CA ILE A 29 -1.03 6.24 -4.35
C ILE A 29 -1.82 7.46 -4.81
N GLU A 30 -2.78 7.88 -3.98
CA GLU A 30 -3.61 9.04 -4.30
C GLU A 30 -2.79 10.12 -4.97
N ARG A 31 -1.56 10.32 -4.50
CA ARG A 31 -0.68 11.34 -5.06
C ARG A 31 0.51 10.68 -5.76
N VAL A 32 1.24 9.85 -5.03
CA VAL A 32 2.41 9.16 -5.58
C VAL A 32 2.13 8.67 -7.00
N HIS A 33 1.05 7.91 -7.17
CA HIS A 33 0.68 7.38 -8.48
C HIS A 33 -0.65 7.97 -8.94
N LYS A 34 -0.61 9.20 -9.44
CA LYS A 34 -1.82 9.86 -9.91
C LYS A 34 -2.42 9.13 -11.11
N LYS A 35 -3.74 9.01 -11.13
CA LYS A 35 -4.43 8.34 -12.21
C LYS A 35 -4.93 9.33 -13.26
N ILE A 36 -5.66 10.35 -12.81
CA ILE A 36 -6.18 11.37 -13.71
C ILE A 36 -5.07 12.31 -14.17
N LYS A 37 -5.07 12.63 -15.46
CA LYS A 37 -4.07 13.52 -16.04
C LYS A 37 -4.59 14.16 -17.32
ZN ZN B . 3.41 3.44 -4.68
N GLY A 1 -1.39 -20.40 -4.65
CA GLY A 1 -0.32 -21.34 -4.38
C GLY A 1 -0.38 -21.91 -2.97
N SER A 2 -0.22 -21.03 -1.98
CA SER A 2 -0.25 -21.46 -0.58
C SER A 2 -1.11 -20.50 0.25
N SER A 3 -2.42 -20.72 0.25
CA SER A 3 -3.34 -19.89 1.00
C SER A 3 -2.88 -18.43 0.99
N GLY A 4 -2.42 -17.97 -0.17
CA GLY A 4 -1.96 -16.60 -0.29
C GLY A 4 -0.77 -16.31 0.61
N SER A 5 -0.98 -15.50 1.64
CA SER A 5 0.08 -15.15 2.58
C SER A 5 -0.39 -15.31 4.02
N SER A 6 0.56 -15.26 4.95
CA SER A 6 0.25 -15.40 6.37
C SER A 6 0.01 -14.04 7.01
N GLY A 7 -0.69 -13.17 6.29
CA GLY A 7 -0.98 -11.84 6.82
C GLY A 7 -1.95 -11.07 5.94
N GLU A 8 -2.50 -9.99 6.47
CA GLU A 8 -3.46 -9.17 5.73
C GLU A 8 -2.87 -7.81 5.42
N LYS A 9 -1.59 -7.78 5.04
CA LYS A 9 -0.91 -6.54 4.72
C LYS A 9 -1.16 -6.15 3.26
N PHE A 10 -1.76 -4.98 3.07
CA PHE A 10 -2.06 -4.48 1.73
C PHE A 10 -0.96 -3.56 1.23
N ALA A 11 -0.18 -4.04 0.27
CA ALA A 11 0.90 -3.25 -0.29
C ALA A 11 0.55 -2.76 -1.69
N CYS A 12 1.00 -1.55 -2.02
CA CYS A 12 0.74 -0.96 -3.33
C CYS A 12 1.30 -1.85 -4.45
N ASP A 13 0.60 -1.86 -5.58
CA ASP A 13 1.02 -2.66 -6.72
C ASP A 13 1.97 -1.88 -7.62
N TYR A 14 1.55 -0.68 -8.02
CA TYR A 14 2.37 0.16 -8.87
C TYR A 14 3.84 0.04 -8.53
N CYS A 15 4.15 0.15 -7.24
CA CYS A 15 5.53 0.05 -6.77
C CYS A 15 5.63 -0.92 -5.60
N SER A 16 6.86 -1.15 -5.13
CA SER A 16 7.10 -2.06 -4.02
C SER A 16 7.04 -1.32 -2.68
N PHE A 17 5.99 -0.52 -2.50
CA PHE A 17 5.83 0.25 -1.27
C PHE A 17 4.78 -0.41 -0.36
N THR A 18 5.02 -0.33 0.94
CA THR A 18 4.10 -0.91 1.92
C THR A 18 3.90 0.02 3.11
N CYS A 19 2.86 -0.24 3.89
CA CYS A 19 2.56 0.58 5.07
C CYS A 19 1.72 -0.20 6.06
N LEU A 20 1.57 0.36 7.26
CA LEU A 20 0.79 -0.29 8.32
C LEU A 20 -0.44 0.54 8.67
N SER A 21 -1.07 1.10 7.65
CA SER A 21 -2.26 1.93 7.85
C SER A 21 -3.03 2.10 6.54
N LYS A 22 -4.27 1.62 6.52
CA LYS A 22 -5.11 1.72 5.33
C LYS A 22 -5.04 3.12 4.73
N GLY A 23 -4.97 4.12 5.59
CA GLY A 23 -4.89 5.50 5.13
C GLY A 23 -3.56 5.82 4.47
N HIS A 24 -2.47 5.36 5.08
CA HIS A 24 -1.13 5.60 4.56
C HIS A 24 -1.05 5.19 3.09
N LEU A 25 -1.59 4.01 2.78
CA LEU A 25 -1.58 3.51 1.41
C LEU A 25 -2.34 4.43 0.48
N LYS A 26 -3.53 4.86 0.91
CA LYS A 26 -4.36 5.75 0.11
C LYS A 26 -3.57 6.99 -0.31
N VAL A 27 -2.87 7.60 0.65
CA VAL A 27 -2.08 8.78 0.39
C VAL A 27 -0.81 8.44 -0.39
N HIS A 28 -0.24 7.29 -0.10
CA HIS A 28 0.98 6.84 -0.78
C HIS A 28 0.81 6.92 -2.29
N ILE A 29 -0.41 6.71 -2.76
CA ILE A 29 -0.68 6.77 -4.19
C ILE A 29 -1.06 8.18 -4.62
N GLU A 30 -2.04 8.76 -3.93
CA GLU A 30 -2.49 10.11 -4.24
C GLU A 30 -1.32 11.07 -4.35
N ARG A 31 -0.19 10.70 -3.74
CA ARG A 31 1.01 11.53 -3.77
C ARG A 31 2.02 10.98 -4.76
N VAL A 32 2.09 9.65 -4.86
CA VAL A 32 3.03 9.00 -5.78
C VAL A 32 2.37 8.76 -7.14
N HIS A 33 1.42 7.83 -7.17
CA HIS A 33 0.72 7.49 -8.41
C HIS A 33 -0.54 8.35 -8.56
N LYS A 34 -0.34 9.62 -8.90
CA LYS A 34 -1.46 10.54 -9.08
C LYS A 34 -1.55 11.01 -10.53
N LYS A 35 -0.40 11.34 -11.11
CA LYS A 35 -0.34 11.81 -12.49
C LYS A 35 -1.34 11.04 -13.36
N ILE A 36 -1.36 9.71 -13.21
CA ILE A 36 -2.26 8.87 -13.98
C ILE A 36 -3.59 8.69 -13.25
N LYS A 37 -4.69 8.87 -13.97
CA LYS A 37 -6.01 8.72 -13.39
C LYS A 37 -6.65 7.41 -13.84
ZN ZN B . 3.20 2.73 -4.93
N GLY A 1 11.23 -18.28 12.56
CA GLY A 1 10.21 -18.99 13.30
C GLY A 1 8.82 -18.73 12.77
N SER A 2 8.19 -17.67 13.29
CA SER A 2 6.83 -17.32 12.87
C SER A 2 6.78 -17.09 11.36
N SER A 3 7.77 -16.38 10.83
CA SER A 3 7.84 -16.09 9.41
C SER A 3 7.50 -17.33 8.58
N GLY A 4 6.56 -17.18 7.66
CA GLY A 4 6.15 -18.30 6.82
C GLY A 4 4.68 -18.60 6.92
N SER A 5 3.86 -17.56 6.79
CA SER A 5 2.41 -17.72 6.87
C SER A 5 1.71 -16.88 5.80
N SER A 6 0.39 -16.99 5.74
CA SER A 6 -0.39 -16.25 4.77
C SER A 6 0.00 -14.77 4.76
N GLY A 7 -0.44 -14.06 3.73
CA GLY A 7 -0.13 -12.64 3.62
C GLY A 7 -1.34 -11.76 3.83
N GLU A 8 -1.57 -11.36 5.09
CA GLU A 8 -2.71 -10.50 5.42
C GLU A 8 -2.29 -9.04 5.45
N LYS A 9 -1.60 -8.59 4.40
CA LYS A 9 -1.14 -7.22 4.31
C LYS A 9 -1.30 -6.69 2.89
N PHE A 10 -2.05 -5.61 2.74
CA PHE A 10 -2.28 -5.01 1.43
C PHE A 10 -1.18 -3.99 1.11
N ALA A 11 -0.47 -4.23 0.01
CA ALA A 11 0.61 -3.34 -0.41
C ALA A 11 0.32 -2.75 -1.78
N CYS A 12 0.89 -1.58 -2.05
CA CYS A 12 0.70 -0.91 -3.33
C CYS A 12 1.07 -1.81 -4.49
N ASP A 13 0.27 -1.77 -5.55
CA ASP A 13 0.51 -2.58 -6.73
C ASP A 13 1.55 -1.93 -7.64
N TYR A 14 1.30 -0.67 -7.99
CA TYR A 14 2.21 0.07 -8.87
C TYR A 14 3.66 -0.13 -8.43
N CYS A 15 3.91 -0.01 -7.13
CA CYS A 15 5.25 -0.17 -6.59
C CYS A 15 5.23 -1.10 -5.37
N SER A 16 6.41 -1.52 -4.94
CA SER A 16 6.53 -2.42 -3.80
C SER A 16 6.76 -1.63 -2.52
N PHE A 17 5.80 -0.77 -2.18
CA PHE A 17 5.90 0.05 -0.98
C PHE A 17 5.10 -0.57 0.17
N THR A 18 5.58 -0.37 1.39
CA THR A 18 4.90 -0.91 2.57
C THR A 18 4.37 0.21 3.46
N CYS A 19 3.17 0.02 4.00
CA CYS A 19 2.55 1.00 4.86
C CYS A 19 2.04 0.37 6.14
N LEU A 20 1.79 1.20 7.16
CA LEU A 20 1.31 0.71 8.44
C LEU A 20 -0.20 0.88 8.55
N SER A 21 -0.67 2.13 8.43
CA SER A 21 -2.09 2.42 8.52
C SER A 21 -2.77 2.20 7.17
N LYS A 22 -4.10 2.34 7.16
CA LYS A 22 -4.88 2.15 5.94
C LYS A 22 -4.74 3.38 5.03
N GLY A 23 -5.14 4.53 5.54
CA GLY A 23 -5.06 5.75 4.75
C GLY A 23 -3.72 5.90 4.06
N HIS A 24 -2.64 5.74 4.82
CA HIS A 24 -1.30 5.86 4.27
C HIS A 24 -1.21 5.25 2.88
N LEU A 25 -1.90 4.13 2.70
CA LEU A 25 -1.89 3.44 1.41
C LEU A 25 -2.61 4.27 0.34
N LYS A 26 -3.71 4.89 0.73
CA LYS A 26 -4.47 5.73 -0.19
C LYS A 26 -3.71 7.00 -0.54
N VAL A 27 -3.27 7.73 0.49
CA VAL A 27 -2.53 8.96 0.30
C VAL A 27 -1.19 8.69 -0.37
N HIS A 28 -0.72 7.45 -0.27
CA HIS A 28 0.55 7.06 -0.87
C HIS A 28 0.51 7.20 -2.39
N ILE A 29 -0.55 6.68 -3.00
CA ILE A 29 -0.70 6.75 -4.45
C ILE A 29 -1.15 8.15 -4.88
N GLU A 30 -1.92 8.81 -4.02
CA GLU A 30 -2.40 10.15 -4.33
C GLU A 30 -1.25 11.13 -4.48
N ARG A 31 -0.12 10.80 -3.87
CA ARG A 31 1.06 11.66 -3.94
C ARG A 31 2.15 11.02 -4.80
N VAL A 32 2.42 9.74 -4.54
CA VAL A 32 3.43 9.01 -5.29
C VAL A 32 2.99 8.78 -6.74
N HIS A 33 1.96 7.96 -6.91
CA HIS A 33 1.45 7.66 -8.24
C HIS A 33 0.21 8.50 -8.54
N LYS A 34 0.41 9.80 -8.72
CA LYS A 34 -0.68 10.72 -9.01
C LYS A 34 -1.05 10.67 -10.49
N LYS A 35 -2.34 10.76 -10.79
CA LYS A 35 -2.82 10.73 -12.16
C LYS A 35 -2.09 11.76 -13.01
N ILE A 36 -1.24 11.28 -13.91
CA ILE A 36 -0.47 12.17 -14.78
C ILE A 36 -1.24 12.46 -16.08
N LYS A 37 -1.96 11.45 -16.56
CA LYS A 37 -2.74 11.59 -17.78
C LYS A 37 -3.34 12.99 -17.89
ZN ZN B . 3.28 2.75 -4.78
N GLY A 1 -2.77 -12.00 -6.49
CA GLY A 1 -1.59 -12.77 -6.16
C GLY A 1 -1.12 -12.53 -4.74
N SER A 2 -0.60 -13.57 -4.10
CA SER A 2 -0.10 -13.46 -2.74
C SER A 2 1.18 -12.64 -2.68
N SER A 3 2.09 -12.93 -3.59
CA SER A 3 3.37 -12.22 -3.65
C SER A 3 4.13 -12.35 -2.32
N GLY A 4 4.10 -13.55 -1.76
CA GLY A 4 4.79 -13.79 -0.50
C GLY A 4 3.92 -13.45 0.70
N SER A 5 3.40 -12.23 0.72
CA SER A 5 2.56 -11.78 1.82
C SER A 5 1.18 -12.45 1.76
N SER A 6 1.08 -13.62 2.36
CA SER A 6 -0.17 -14.36 2.38
C SER A 6 -1.15 -13.77 3.40
N GLY A 7 -0.66 -13.56 4.61
CA GLY A 7 -1.50 -13.00 5.66
C GLY A 7 -2.15 -11.69 5.23
N GLU A 8 -3.34 -11.42 5.78
CA GLU A 8 -4.06 -10.21 5.45
C GLU A 8 -3.14 -8.99 5.49
N LYS A 9 -2.79 -8.50 4.30
CA LYS A 9 -1.91 -7.34 4.19
C LYS A 9 -2.27 -6.49 2.98
N PHE A 10 -1.88 -5.23 3.01
CA PHE A 10 -2.17 -4.31 1.91
C PHE A 10 -0.93 -3.52 1.53
N ALA A 11 -0.49 -3.68 0.28
CA ALA A 11 0.69 -2.98 -0.21
C ALA A 11 0.48 -2.49 -1.64
N CYS A 12 0.98 -1.28 -1.93
CA CYS A 12 0.85 -0.70 -3.25
C CYS A 12 1.30 -1.68 -4.33
N ASP A 13 0.61 -1.65 -5.47
CA ASP A 13 0.94 -2.53 -6.58
C ASP A 13 1.97 -1.88 -7.50
N TYR A 14 1.62 -0.73 -8.06
CA TYR A 14 2.51 0.00 -8.96
C TYR A 14 3.95 -0.07 -8.47
N CYS A 15 4.13 0.12 -7.16
CA CYS A 15 5.46 0.08 -6.57
C CYS A 15 5.46 -0.76 -5.28
N SER A 16 6.64 -1.22 -4.90
CA SER A 16 6.78 -2.04 -3.70
C SER A 16 6.91 -1.17 -2.45
N PHE A 17 5.80 -0.57 -2.04
CA PHE A 17 5.79 0.29 -0.86
C PHE A 17 5.16 -0.42 0.33
N THR A 18 5.94 -0.57 1.40
CA THR A 18 5.46 -1.23 2.61
C THR A 18 5.28 -0.24 3.74
N CYS A 19 4.15 -0.35 4.45
CA CYS A 19 3.86 0.55 5.56
C CYS A 19 2.89 -0.11 6.54
N LEU A 20 2.59 0.59 7.62
CA LEU A 20 1.67 0.08 8.64
C LEU A 20 0.50 1.03 8.85
N SER A 21 -0.38 1.11 7.85
CA SER A 21 -1.54 1.99 7.93
C SER A 21 -2.44 1.79 6.71
N LYS A 22 -3.75 1.83 6.95
CA LYS A 22 -4.73 1.65 5.87
C LYS A 22 -4.87 2.94 5.06
N GLY A 23 -5.19 4.04 5.75
CA GLY A 23 -5.34 5.31 5.07
C GLY A 23 -4.11 5.71 4.28
N HIS A 24 -2.94 5.45 4.85
CA HIS A 24 -1.68 5.78 4.20
C HIS A 24 -1.69 5.32 2.74
N LEU A 25 -1.98 4.05 2.52
CA LEU A 25 -2.03 3.49 1.18
C LEU A 25 -2.61 4.49 0.19
N LYS A 26 -3.83 4.93 0.47
CA LYS A 26 -4.50 5.90 -0.40
C LYS A 26 -3.65 7.13 -0.61
N VAL A 27 -3.30 7.81 0.49
CA VAL A 27 -2.47 9.00 0.42
C VAL A 27 -1.27 8.80 -0.50
N HIS A 28 -0.52 7.73 -0.24
CA HIS A 28 0.65 7.42 -1.04
C HIS A 28 0.36 7.56 -2.53
N ILE A 29 -0.50 6.67 -3.05
CA ILE A 29 -0.86 6.70 -4.45
C ILE A 29 -1.39 8.08 -4.85
N GLU A 30 -1.97 8.79 -3.89
CA GLU A 30 -2.51 10.11 -4.15
C GLU A 30 -1.41 11.09 -4.51
N ARG A 31 -0.23 10.89 -3.93
CA ARG A 31 0.91 11.76 -4.19
C ARG A 31 2.12 10.94 -4.66
N VAL A 32 1.85 9.82 -5.32
CA VAL A 32 2.91 8.96 -5.81
C VAL A 32 2.62 8.50 -7.24
N HIS A 33 1.37 8.16 -7.50
CA HIS A 33 0.95 7.71 -8.83
C HIS A 33 -0.18 8.58 -9.37
N LYS A 34 -1.29 8.61 -8.65
CA LYS A 34 -2.44 9.40 -9.06
C LYS A 34 -2.25 10.87 -8.70
N LYS A 35 -1.06 11.40 -8.96
CA LYS A 35 -0.75 12.79 -8.68
C LYS A 35 -0.77 13.62 -9.95
N ILE A 36 0.12 13.30 -10.88
CA ILE A 36 0.19 14.02 -12.15
C ILE A 36 -1.12 13.92 -12.91
N LYS A 37 -1.45 14.99 -13.65
CA LYS A 37 -2.68 15.02 -14.43
C LYS A 37 -2.37 15.04 -15.93
ZN ZN B . 3.09 3.15 -5.08
N GLY A 1 2.21 -5.65 18.01
CA GLY A 1 3.34 -6.14 17.23
C GLY A 1 3.42 -5.49 15.86
N SER A 2 4.60 -5.56 15.24
CA SER A 2 4.80 -4.97 13.93
C SER A 2 3.88 -5.60 12.90
N SER A 3 3.97 -6.92 12.77
CA SER A 3 3.15 -7.65 11.81
C SER A 3 2.10 -8.49 12.53
N GLY A 4 1.18 -9.07 11.76
CA GLY A 4 0.14 -9.89 12.35
C GLY A 4 0.05 -11.26 11.70
N SER A 5 -1.10 -11.91 11.84
CA SER A 5 -1.30 -13.24 11.27
C SER A 5 -2.14 -13.16 9.99
N SER A 6 -3.21 -12.37 10.05
CA SER A 6 -4.09 -12.21 8.89
C SER A 6 -3.31 -11.70 7.68
N GLY A 7 -3.25 -12.53 6.65
CA GLY A 7 -2.53 -12.15 5.44
C GLY A 7 -3.11 -10.92 4.78
N GLU A 8 -3.10 -10.89 3.45
CA GLU A 8 -3.62 -9.75 2.71
C GLU A 8 -3.11 -8.44 3.29
N LYS A 9 -1.80 -8.34 3.46
CA LYS A 9 -1.19 -7.13 4.01
C LYS A 9 -1.46 -5.93 3.12
N PHE A 10 -1.37 -4.73 3.70
CA PHE A 10 -1.61 -3.51 2.95
C PHE A 10 -0.33 -3.02 2.28
N ALA A 11 -0.25 -3.22 0.97
CA ALA A 11 0.92 -2.81 0.20
C ALA A 11 0.52 -2.11 -1.09
N CYS A 12 1.40 -1.26 -1.61
CA CYS A 12 1.13 -0.54 -2.84
C CYS A 12 1.15 -1.48 -4.05
N ASP A 13 0.24 -1.25 -4.98
CA ASP A 13 0.13 -2.08 -6.18
C ASP A 13 1.27 -1.76 -7.15
N TYR A 14 1.27 -0.53 -7.67
CA TYR A 14 2.29 -0.10 -8.61
C TYR A 14 3.68 -0.52 -8.13
N CYS A 15 4.10 0.04 -7.00
CA CYS A 15 5.41 -0.27 -6.43
C CYS A 15 5.27 -1.19 -5.22
N SER A 16 6.41 -1.66 -4.71
CA SER A 16 6.42 -2.56 -3.56
C SER A 16 6.65 -1.76 -2.27
N PHE A 17 5.68 -0.92 -1.92
CA PHE A 17 5.78 -0.11 -0.71
C PHE A 17 5.01 -0.75 0.44
N THR A 18 5.64 -0.78 1.61
CA THR A 18 5.01 -1.36 2.79
C THR A 18 4.67 -0.30 3.83
N CYS A 19 3.57 -0.49 4.54
CA CYS A 19 3.14 0.45 5.55
C CYS A 19 2.45 -0.26 6.71
N LEU A 20 2.07 0.49 7.73
CA LEU A 20 1.40 -0.07 8.90
C LEU A 20 -0.10 0.20 8.85
N SER A 21 -0.47 1.40 8.41
CA SER A 21 -1.87 1.77 8.31
C SER A 21 -2.37 1.68 6.87
N LYS A 22 -3.68 1.52 6.72
CA LYS A 22 -4.29 1.41 5.40
C LYS A 22 -4.63 2.79 4.84
N GLY A 23 -4.69 3.78 5.73
CA GLY A 23 -5.00 5.13 5.30
C GLY A 23 -3.86 5.79 4.56
N HIS A 24 -2.64 5.55 5.03
CA HIS A 24 -1.45 6.13 4.40
C HIS A 24 -1.34 5.69 2.95
N LEU A 25 -1.62 4.43 2.70
CA LEU A 25 -1.55 3.86 1.35
C LEU A 25 -2.29 4.76 0.36
N LYS A 26 -3.52 5.14 0.71
CA LYS A 26 -4.33 5.99 -0.14
C LYS A 26 -3.57 7.26 -0.54
N VAL A 27 -3.05 7.97 0.45
CA VAL A 27 -2.30 9.20 0.20
C VAL A 27 -1.13 8.93 -0.75
N HIS A 28 -0.43 7.84 -0.53
CA HIS A 28 0.71 7.48 -1.36
C HIS A 28 0.34 7.52 -2.84
N ILE A 29 -0.50 6.57 -3.27
CA ILE A 29 -0.93 6.51 -4.65
C ILE A 29 -1.61 7.80 -5.08
N GLU A 30 -2.29 8.45 -4.13
CA GLU A 30 -2.99 9.69 -4.41
C GLU A 30 -2.07 10.68 -5.13
N ARG A 31 -0.81 10.72 -4.72
CA ARG A 31 0.17 11.62 -5.32
C ARG A 31 1.31 10.83 -5.95
N VAL A 32 2.02 10.07 -5.11
CA VAL A 32 3.14 9.27 -5.57
C VAL A 32 2.86 8.64 -6.93
N HIS A 33 1.72 7.94 -7.01
CA HIS A 33 1.33 7.29 -8.26
C HIS A 33 0.17 8.02 -8.92
N LYS A 34 0.49 9.10 -9.63
CA LYS A 34 -0.54 9.90 -10.30
C LYS A 34 -0.69 9.47 -11.75
N LYS A 35 -1.94 9.30 -12.19
CA LYS A 35 -2.22 8.89 -13.56
C LYS A 35 -1.73 9.95 -14.55
N ILE A 36 -0.87 9.53 -15.48
CA ILE A 36 -0.32 10.43 -16.48
C ILE A 36 -0.90 10.12 -17.86
N LYS A 37 -1.08 11.16 -18.66
CA LYS A 37 -1.61 11.00 -20.01
C LYS A 37 -0.67 10.16 -20.88
ZN ZN B . 3.70 3.08 -4.65
N GLY A 1 -11.07 -21.66 2.72
CA GLY A 1 -10.98 -22.96 3.37
C GLY A 1 -9.89 -23.00 4.42
N SER A 2 -8.68 -23.39 4.01
CA SER A 2 -7.55 -23.48 4.93
C SER A 2 -6.95 -22.10 5.19
N SER A 3 -6.39 -21.92 6.37
CA SER A 3 -5.79 -20.65 6.75
C SER A 3 -5.01 -20.05 5.59
N GLY A 4 -4.14 -20.87 4.98
CA GLY A 4 -3.35 -20.40 3.86
C GLY A 4 -2.48 -19.20 4.21
N SER A 5 -1.17 -19.41 4.23
CA SER A 5 -0.24 -18.34 4.55
C SER A 5 0.30 -17.68 3.29
N SER A 6 -0.58 -17.45 2.33
CA SER A 6 -0.20 -16.82 1.07
C SER A 6 -0.93 -15.50 0.86
N GLY A 7 -0.24 -14.40 1.13
CA GLY A 7 -0.84 -13.09 0.98
C GLY A 7 -1.72 -12.70 2.16
N GLU A 8 -1.12 -12.01 3.13
CA GLU A 8 -1.85 -11.59 4.32
C GLU A 8 -1.63 -10.11 4.58
N LYS A 9 -1.68 -9.30 3.52
CA LYS A 9 -1.49 -7.87 3.65
C LYS A 9 -1.74 -7.17 2.30
N PHE A 10 -2.30 -5.97 2.36
CA PHE A 10 -2.59 -5.20 1.15
C PHE A 10 -1.55 -4.10 0.95
N ALA A 11 -0.66 -4.32 -0.01
CA ALA A 11 0.39 -3.34 -0.29
C ALA A 11 0.19 -2.72 -1.69
N CYS A 12 0.71 -1.51 -1.87
CA CYS A 12 0.58 -0.81 -3.14
C CYS A 12 0.94 -1.74 -4.31
N ASP A 13 0.11 -1.70 -5.35
CA ASP A 13 0.34 -2.53 -6.53
C ASP A 13 1.48 -1.98 -7.38
N TYR A 14 1.35 -0.70 -7.77
CA TYR A 14 2.36 -0.05 -8.59
C TYR A 14 3.77 -0.40 -8.09
N CYS A 15 4.06 -0.01 -6.86
CA CYS A 15 5.37 -0.26 -6.26
C CYS A 15 5.26 -1.29 -5.14
N SER A 16 6.39 -1.60 -4.51
CA SER A 16 6.43 -2.56 -3.43
C SER A 16 6.59 -1.86 -2.08
N PHE A 17 5.85 -0.78 -1.89
CA PHE A 17 5.92 -0.01 -0.65
C PHE A 17 4.70 -0.29 0.23
N THR A 18 4.92 -0.28 1.54
CA THR A 18 3.84 -0.53 2.49
C THR A 18 4.11 0.15 3.83
N CYS A 19 3.09 0.19 4.68
CA CYS A 19 3.22 0.81 6.00
C CYS A 19 2.16 0.30 6.96
N LEU A 20 2.24 0.71 8.21
CA LEU A 20 1.29 0.29 9.22
C LEU A 20 0.15 1.30 9.35
N SER A 21 -0.34 1.78 8.21
CA SER A 21 -1.43 2.75 8.20
C SER A 21 -2.18 2.69 6.87
N LYS A 22 -3.42 2.20 6.92
CA LYS A 22 -4.25 2.09 5.73
C LYS A 22 -4.46 3.46 5.10
N GLY A 23 -4.90 4.42 5.90
CA GLY A 23 -5.15 5.77 5.40
C GLY A 23 -3.96 6.31 4.63
N HIS A 24 -2.77 6.18 5.21
CA HIS A 24 -1.55 6.67 4.58
C HIS A 24 -1.46 6.20 3.13
N LEU A 25 -1.76 4.92 2.91
CA LEU A 25 -1.70 4.34 1.58
C LEU A 25 -2.50 5.18 0.59
N LYS A 26 -3.67 5.66 1.03
CA LYS A 26 -4.53 6.48 0.19
C LYS A 26 -3.75 7.67 -0.39
N VAL A 27 -3.06 8.39 0.49
CA VAL A 27 -2.27 9.55 0.08
C VAL A 27 -1.07 9.13 -0.77
N HIS A 28 -0.51 7.96 -0.45
CA HIS A 28 0.65 7.44 -1.17
C HIS A 28 0.36 7.39 -2.67
N ILE A 29 -0.51 6.47 -3.07
CA ILE A 29 -0.86 6.31 -4.48
C ILE A 29 -1.48 7.59 -5.03
N GLU A 30 -2.14 8.36 -4.16
CA GLU A 30 -2.77 9.60 -4.57
C GLU A 30 -1.73 10.63 -5.00
N ARG A 31 -0.47 10.36 -4.65
CA ARG A 31 0.63 11.27 -5.00
C ARG A 31 1.78 10.50 -5.63
N VAL A 32 2.38 9.60 -4.86
CA VAL A 32 3.50 8.80 -5.35
C VAL A 32 3.25 8.31 -6.77
N HIS A 33 1.97 8.24 -7.15
CA HIS A 33 1.60 7.79 -8.49
C HIS A 33 0.58 8.74 -9.11
N LYS A 34 1.05 9.86 -9.65
CA LYS A 34 0.18 10.84 -10.27
C LYS A 34 0.66 11.17 -11.69
N LYS A 35 -0.24 11.03 -12.65
CA LYS A 35 0.09 11.31 -14.04
C LYS A 35 -0.35 12.72 -14.43
N ILE A 36 -0.20 13.66 -13.50
CA ILE A 36 -0.57 15.04 -13.74
C ILE A 36 0.64 15.96 -13.69
N LYS A 37 1.19 16.29 -14.85
CA LYS A 37 2.35 17.17 -14.94
C LYS A 37 1.93 18.63 -14.93
ZN ZN B . 3.23 2.94 -4.67
N GLY A 1 2.96 -23.27 -6.24
CA GLY A 1 2.33 -24.38 -5.58
C GLY A 1 1.08 -23.98 -4.82
N SER A 2 0.53 -24.90 -4.04
CA SER A 2 -0.67 -24.64 -3.27
C SER A 2 -0.32 -24.13 -1.87
N SER A 3 -0.08 -22.84 -1.77
CA SER A 3 0.28 -22.22 -0.50
C SER A 3 -0.55 -20.96 -0.24
N GLY A 4 -0.40 -20.38 0.94
CA GLY A 4 -1.14 -19.17 1.28
C GLY A 4 -1.43 -19.06 2.76
N SER A 5 -0.59 -18.31 3.48
CA SER A 5 -0.75 -18.14 4.91
C SER A 5 -0.87 -16.66 5.27
N SER A 6 -0.12 -15.82 4.56
CA SER A 6 -0.14 -14.39 4.80
C SER A 6 -1.22 -13.71 3.97
N GLY A 7 -2.44 -14.22 4.09
CA GLY A 7 -3.56 -13.65 3.35
C GLY A 7 -3.80 -12.20 3.70
N GLU A 8 -3.78 -11.90 5.00
CA GLU A 8 -4.01 -10.53 5.47
C GLU A 8 -2.77 -9.67 5.26
N LYS A 9 -2.73 -8.98 4.12
CA LYS A 9 -1.61 -8.12 3.78
C LYS A 9 -1.97 -7.17 2.65
N PHE A 10 -1.70 -5.88 2.85
CA PHE A 10 -2.00 -4.87 1.84
C PHE A 10 -0.74 -4.09 1.48
N ALA A 11 -0.32 -4.19 0.22
CA ALA A 11 0.85 -3.49 -0.26
C ALA A 11 0.63 -2.91 -1.65
N CYS A 12 1.00 -1.65 -1.83
CA CYS A 12 0.84 -0.98 -3.12
C CYS A 12 1.34 -1.86 -4.26
N ASP A 13 0.55 -1.96 -5.32
CA ASP A 13 0.91 -2.76 -6.48
C ASP A 13 1.83 -1.98 -7.42
N TYR A 14 1.42 -0.76 -7.75
CA TYR A 14 2.20 0.08 -8.65
C TYR A 14 3.69 0.01 -8.30
N CYS A 15 3.99 0.10 -7.01
CA CYS A 15 5.38 0.05 -6.54
C CYS A 15 5.50 -0.85 -5.32
N SER A 16 6.74 -1.19 -4.96
CA SER A 16 6.99 -2.04 -3.81
C SER A 16 7.00 -1.23 -2.52
N PHE A 17 5.87 -0.59 -2.22
CA PHE A 17 5.75 0.21 -1.01
C PHE A 17 5.01 -0.56 0.09
N THR A 18 5.33 -0.25 1.34
CA THR A 18 4.70 -0.91 2.47
C THR A 18 4.65 0.02 3.69
N CYS A 19 3.48 0.07 4.32
CA CYS A 19 3.30 0.93 5.49
C CYS A 19 2.32 0.29 6.47
N LEU A 20 2.15 0.92 7.63
CA LEU A 20 1.25 0.41 8.66
C LEU A 20 -0.12 1.07 8.54
N SER A 21 -0.15 2.40 8.59
CA SER A 21 -1.40 3.13 8.50
C SER A 21 -2.11 2.83 7.16
N LYS A 22 -3.18 2.05 7.25
CA LYS A 22 -3.95 1.69 6.05
C LYS A 22 -4.21 2.91 5.18
N GLY A 23 -4.66 3.99 5.81
CA GLY A 23 -4.94 5.21 5.07
C GLY A 23 -3.78 5.63 4.19
N HIS A 24 -2.56 5.50 4.71
CA HIS A 24 -1.37 5.89 3.97
C HIS A 24 -1.40 5.32 2.55
N LEU A 25 -2.13 4.23 2.37
CA LEU A 25 -2.25 3.59 1.06
C LEU A 25 -2.93 4.53 0.07
N LYS A 26 -3.93 5.27 0.54
CA LYS A 26 -4.65 6.21 -0.31
C LYS A 26 -3.77 7.40 -0.68
N VAL A 27 -3.29 8.10 0.34
CA VAL A 27 -2.44 9.26 0.12
C VAL A 27 -1.15 8.87 -0.60
N HIS A 28 -0.72 7.63 -0.40
CA HIS A 28 0.50 7.12 -1.02
C HIS A 28 0.37 7.15 -2.54
N ILE A 29 -0.78 6.71 -3.05
CA ILE A 29 -1.02 6.69 -4.48
C ILE A 29 -1.48 8.05 -4.99
N GLU A 30 -2.11 8.82 -4.12
CA GLU A 30 -2.60 10.16 -4.48
C GLU A 30 -1.44 11.15 -4.53
N ARG A 31 -0.31 10.77 -3.94
CA ARG A 31 0.88 11.63 -3.92
C ARG A 31 1.95 11.10 -4.85
N VAL A 32 2.23 9.80 -4.76
CA VAL A 32 3.24 9.17 -5.59
C VAL A 32 2.75 9.01 -7.02
N HIS A 33 1.82 8.09 -7.23
CA HIS A 33 1.27 7.84 -8.56
C HIS A 33 0.02 8.68 -8.79
N LYS A 34 0.22 9.97 -9.05
CA LYS A 34 -0.88 10.89 -9.30
C LYS A 34 -1.35 10.80 -10.74
N LYS A 35 -2.64 11.06 -10.96
CA LYS A 35 -3.22 11.01 -12.30
C LYS A 35 -2.79 12.21 -13.12
N ILE A 36 -3.15 12.21 -14.40
CA ILE A 36 -2.79 13.30 -15.30
C ILE A 36 -4.05 14.02 -15.80
N LYS A 37 -4.00 15.34 -15.79
CA LYS A 37 -5.13 16.15 -16.25
C LYS A 37 -5.29 16.05 -17.77
ZN ZN B . 3.02 2.88 -4.77
#